data_5JXL
#
_entry.id   5JXL
#
_cell.length_a   1
_cell.length_b   1
_cell.length_c   1
_cell.angle_alpha   90.00
_cell.angle_beta   90.00
_cell.angle_gamma   90.00
#
_symmetry.space_group_name_H-M   'P 1'
#
_entity_poly.entity_id   1
_entity_poly.type   'polypeptide(L)'
_entity_poly.pdbx_seq_one_letter_code
;MRSLWSGVSGLQAHQVAMDVEGNNISNVNTTGFKYSRADFGTMFSQTVKIATAPTDGRGGSNPLQIGLGVSVSSTTRIHS
QGSVQTTDKNTDVAINGDGFFMVSDDGGLTNYLTRSGDFKLDAYGNFVNNAGFVVQGWNINWDDQTIDSSRTPQNIFIDP
GMHIPAAKSTEVAIKANLNSGLNIGTSSRNLYALDSVHGWNTKTQRAEDENDTGTTQFYTTSKNSVEVTEKGVDAGALFN
ANGTGLNLRDGQGIWVSYADAKFTTDRANGANVFDPNLTVAQQNNVIFWGNKDIAVTLDINLNGVRIQNDNIRSLDEAIA
YINTFTAPTDTRDGTGVKAVKKADGSGIEFVNNNADGTTDNMKNIDLTVNVGNSAGERNTINYNANTGVFSPQGGNLTTA
QNDTDWIAGAAQAGQPQNVKVVTAHKYIYSSNPVTIPPMINPDGGPAFQPNNGNRPTDPASANYWDAIQGSLKNTTERTF
RTTEDLRELLQRDARYGVDYNGSGIIDNATPTFDANDINQAVKVVVTENGNFAISNANETSTIPANAGAGAGAATTNPKN
MSFNITAYSNKQGTVSTNDAFTKIFKAFDGPLVIGNQIKESEQLKLSAFSAGLEIYDSLGSKHTLEVQFVKQSTTQDGGN
EWQMIIRVPEPAEINTTGEGPTNIIVGTARFNNDGSLANYTPKTINFSPNNGAAPNQQIKLSFGTSGSNDGLVSSNSAST
LTGQATDGYTSGNLKPDAIRVDDKGNILGEFTNGKTFAVAKIAMASVANNSGLEEIGGNLFKVTANSGNIVVGEAGTGGR
GEMKTSALEMSNVDLSRSLTELIIIQRGYQANSKTISTSDQMLQTLIQLKQ
;
_entity_poly.pdbx_strand_id   A
#
# COMPACT_ATOMS: atom_id res chain seq x y z
N MET A 1 -53.96 -95.02 -20.09
CA MET A 1 -52.94 -94.57 -21.01
C MET A 1 -52.88 -93.05 -21.13
N ARG A 2 -54.02 -92.44 -21.47
CA ARG A 2 -54.11 -90.99 -21.62
C ARG A 2 -53.88 -90.26 -20.30
N SER A 3 -54.55 -90.78 -19.28
CA SER A 3 -54.48 -90.20 -17.95
C SER A 3 -53.08 -90.32 -17.40
N LEU A 4 -52.34 -91.32 -17.86
CA LEU A 4 -50.96 -91.46 -17.45
C LEU A 4 -50.12 -90.31 -17.96
N TRP A 5 -50.35 -89.91 -19.19
CA TRP A 5 -49.58 -88.82 -19.74
C TRP A 5 -49.93 -87.52 -19.07
N SER A 6 -51.22 -87.27 -18.88
CA SER A 6 -51.59 -86.02 -18.23
C SER A 6 -51.04 -85.99 -16.81
N GLY A 7 -51.02 -87.16 -16.19
CA GLY A 7 -50.58 -87.27 -14.83
C GLY A 7 -49.10 -87.03 -14.66
N VAL A 8 -48.29 -87.56 -15.56
CA VAL A 8 -46.86 -87.27 -15.49
C VAL A 8 -46.61 -85.80 -15.82
N SER A 9 -47.48 -85.24 -16.65
CA SER A 9 -47.36 -83.84 -17.03
C SER A 9 -47.47 -82.93 -15.82
N GLY A 10 -48.51 -83.14 -15.03
CA GLY A 10 -48.70 -82.30 -13.87
C GLY A 10 -47.55 -82.48 -12.90
N LEU A 11 -46.97 -83.67 -12.93
CA LEU A 11 -45.93 -84.03 -12.01
C LEU A 11 -44.68 -83.21 -12.30
N GLN A 12 -44.24 -83.21 -13.55
CA GLN A 12 -43.05 -82.40 -13.87
C GLN A 12 -43.36 -80.92 -13.74
N ALA A 13 -44.60 -80.52 -13.95
CA ALA A 13 -44.94 -79.11 -13.79
C ALA A 13 -44.68 -78.67 -12.35
N HIS A 14 -45.21 -79.45 -11.42
CA HIS A 14 -45.00 -79.14 -10.01
C HIS A 14 -43.54 -79.22 -9.63
N GLN A 15 -42.80 -80.09 -10.30
CA GLN A 15 -41.36 -80.13 -10.10
C GLN A 15 -40.73 -78.78 -10.44
N VAL A 16 -41.11 -78.25 -11.59
CA VAL A 16 -40.54 -76.98 -12.04
C VAL A 16 -40.89 -75.86 -11.08
N ALA A 17 -42.10 -75.89 -10.53
CA ALA A 17 -42.45 -74.86 -9.55
C ALA A 17 -41.62 -75.00 -8.28
N MET A 18 -41.36 -76.24 -7.90
CA MET A 18 -40.58 -76.50 -6.70
C MET A 18 -39.17 -75.98 -6.85
N ASP A 19 -38.60 -76.05 -8.05
CA ASP A 19 -37.23 -75.58 -8.22
C ASP A 19 -37.11 -74.08 -7.98
N VAL A 20 -38.06 -73.34 -8.53
CA VAL A 20 -38.02 -71.88 -8.42
C VAL A 20 -38.22 -71.49 -6.97
N GLU A 21 -39.16 -72.17 -6.32
CA GLU A 21 -39.40 -71.88 -4.91
C GLU A 21 -38.19 -72.20 -4.06
N GLY A 22 -37.48 -73.25 -4.45
CA GLY A 22 -36.31 -73.68 -3.73
C GLY A 22 -35.23 -72.64 -3.86
N ASN A 23 -35.14 -72.01 -5.02
CA ASN A 23 -34.17 -70.93 -5.18
C ASN A 23 -34.51 -69.74 -4.32
N ASN A 24 -35.78 -69.31 -4.39
CA ASN A 24 -36.21 -68.18 -3.60
C ASN A 24 -35.89 -68.33 -2.13
N ILE A 25 -36.23 -69.48 -1.56
CA ILE A 25 -35.88 -69.68 -0.16
C ILE A 25 -34.37 -69.80 0.02
N SER A 26 -33.70 -70.35 -0.98
CA SER A 26 -32.28 -70.62 -0.85
C SER A 26 -31.48 -69.36 -0.69
N ASN A 27 -31.89 -68.28 -1.36
CA ASN A 27 -31.13 -67.05 -1.17
C ASN A 27 -31.97 -65.91 -0.61
N VAL A 28 -32.46 -66.14 0.60
CA VAL A 28 -32.85 -65.09 1.51
C VAL A 28 -31.54 -64.42 1.92
N ASN A 29 -31.60 -63.16 2.36
CA ASN A 29 -30.45 -62.46 2.94
C ASN A 29 -29.49 -61.90 1.91
N THR A 30 -29.40 -62.52 0.74
CA THR A 30 -28.58 -61.95 -0.31
C THR A 30 -29.15 -60.59 -0.68
N THR A 31 -28.27 -59.59 -0.78
CA THR A 31 -28.70 -58.23 -1.05
C THR A 31 -29.22 -58.04 -2.46
N GLY A 32 -30.29 -57.28 -2.59
CA GLY A 32 -30.76 -56.86 -3.89
C GLY A 32 -31.53 -57.93 -4.64
N PHE A 33 -31.80 -59.05 -3.99
CA PHE A 33 -32.52 -60.12 -4.64
C PHE A 33 -33.99 -59.82 -4.82
N LYS A 34 -34.55 -60.28 -5.95
CA LYS A 34 -35.97 -60.15 -6.24
C LYS A 34 -36.54 -61.51 -6.61
N TYR A 35 -37.54 -61.96 -5.88
CA TYR A 35 -38.00 -63.33 -6.06
C TYR A 35 -38.89 -63.50 -7.28
N SER A 36 -38.94 -64.72 -7.80
CA SER A 36 -39.76 -65.04 -8.96
C SER A 36 -40.86 -66.02 -8.62
N ARG A 37 -41.77 -66.26 -9.57
CA ARG A 37 -42.79 -67.30 -9.38
C ARG A 37 -43.21 -67.98 -10.67
N ALA A 38 -43.52 -69.26 -10.57
CA ALA A 38 -43.94 -70.07 -11.71
C ALA A 38 -45.41 -69.84 -12.07
N ASP A 39 -45.76 -70.09 -13.33
CA ASP A 39 -47.14 -69.93 -13.78
C ASP A 39 -47.57 -71.07 -14.68
N PHE A 40 -48.83 -71.50 -14.54
CA PHE A 40 -49.33 -72.66 -15.27
C PHE A 40 -50.43 -72.34 -16.26
N GLY A 41 -50.51 -73.13 -17.33
CA GLY A 41 -51.58 -73.01 -18.31
C GLY A 41 -51.90 -74.34 -18.93
N THR A 42 -53.18 -74.56 -19.24
CA THR A 42 -53.64 -75.85 -19.74
C THR A 42 -53.14 -76.17 -21.15
N MET A 43 -52.90 -77.45 -21.40
CA MET A 43 -52.55 -77.95 -22.73
C MET A 43 -53.79 -78.02 -23.62
N PHE A 44 -53.57 -78.03 -24.94
CA PHE A 44 -54.66 -78.09 -25.90
C PHE A 44 -55.53 -79.32 -25.68
N SER A 45 -56.84 -79.15 -25.79
CA SER A 45 -57.78 -80.22 -25.54
C SER A 45 -58.29 -80.87 -26.81
N GLN A 46 -58.30 -82.20 -26.84
CA GLN A 46 -58.94 -82.92 -27.93
C GLN A 46 -60.44 -82.72 -27.93
N THR A 47 -61.02 -82.46 -29.10
CA THR A 47 -62.47 -82.27 -29.18
C THR A 47 -63.10 -83.40 -29.98
N VAL A 48 -63.66 -84.37 -29.26
CA VAL A 48 -64.24 -85.53 -29.90
C VAL A 48 -65.45 -85.17 -30.76
N LYS A 49 -66.20 -84.15 -30.36
CA LYS A 49 -67.39 -83.75 -31.10
C LYS A 49 -67.62 -82.24 -31.05
N ILE A 50 -68.45 -81.76 -31.97
CA ILE A 50 -68.74 -80.35 -32.12
C ILE A 50 -70.07 -80.00 -31.46
N ALA A 51 -70.18 -78.78 -30.93
CA ALA A 51 -71.46 -78.28 -30.42
C ALA A 51 -72.43 -78.03 -31.55
N THR A 52 -73.72 -78.16 -31.27
CA THR A 52 -74.75 -78.04 -32.31
C THR A 52 -75.96 -77.22 -31.89
N ALA A 53 -76.48 -76.44 -32.82
CA ALA A 53 -77.68 -75.63 -32.62
C ALA A 53 -78.94 -76.49 -32.65
N PRO A 54 -79.99 -76.06 -31.94
CA PRO A 54 -81.24 -76.81 -31.95
C PRO A 54 -81.83 -76.91 -33.35
N THR A 55 -82.43 -78.05 -33.67
CA THR A 55 -82.93 -78.28 -35.02
C THR A 55 -84.35 -78.82 -35.07
N ASP A 56 -84.49 -80.10 -35.40
CA ASP A 56 -85.80 -80.69 -35.60
C ASP A 56 -86.45 -81.16 -34.31
N GLY A 57 -86.86 -80.20 -33.48
CA GLY A 57 -87.54 -80.53 -32.25
C GLY A 57 -86.58 -80.90 -31.13
N ARG A 58 -85.29 -80.67 -31.36
CA ARG A 58 -84.30 -80.95 -30.34
C ARG A 58 -83.69 -79.65 -29.84
N GLY A 59 -83.06 -79.70 -28.66
CA GLY A 59 -82.33 -78.57 -28.16
C GLY A 59 -80.89 -78.60 -28.65
N GLY A 60 -80.09 -77.65 -28.18
CA GLY A 60 -78.69 -77.59 -28.56
C GLY A 60 -77.88 -78.60 -27.77
N SER A 61 -76.59 -78.70 -28.06
CA SER A 61 -75.74 -79.65 -27.35
C SER A 61 -74.34 -79.10 -27.13
N ASN A 62 -73.76 -79.41 -25.97
CA ASN A 62 -72.46 -78.91 -25.59
C ASN A 62 -71.35 -79.61 -26.35
N PRO A 63 -70.24 -78.90 -26.61
CA PRO A 63 -69.07 -79.52 -27.23
C PRO A 63 -68.52 -80.61 -26.32
N LEU A 64 -67.96 -81.66 -26.89
CA LEU A 64 -67.54 -82.81 -26.08
C LEU A 64 -66.02 -82.99 -26.15
N GLN A 65 -65.27 -82.07 -25.57
CA GLN A 65 -63.82 -82.21 -25.61
C GLN A 65 -63.33 -82.82 -24.32
N ILE A 66 -62.20 -83.49 -24.38
CA ILE A 66 -61.63 -84.09 -23.17
C ILE A 66 -60.83 -83.09 -22.37
N GLY A 67 -59.64 -82.75 -22.84
CA GLY A 67 -58.77 -81.86 -22.10
C GLY A 67 -57.66 -82.62 -21.44
N LEU A 68 -56.44 -82.40 -21.90
CA LEU A 68 -55.31 -83.24 -21.50
C LEU A 68 -54.06 -82.49 -21.07
N GLY A 69 -53.73 -82.55 -19.78
CA GLY A 69 -52.46 -82.08 -19.29
C GLY A 69 -52.35 -80.62 -18.92
N VAL A 70 -51.22 -80.28 -18.30
CA VAL A 70 -50.92 -78.95 -17.78
C VAL A 70 -49.44 -78.68 -17.95
N SER A 71 -49.06 -77.43 -18.18
CA SER A 71 -47.66 -77.09 -18.43
C SER A 71 -47.34 -75.67 -17.99
N VAL A 72 -46.04 -75.36 -17.87
CA VAL A 72 -45.61 -74.05 -17.39
C VAL A 72 -45.57 -72.98 -18.46
N SER A 73 -46.38 -71.95 -18.30
CA SER A 73 -46.41 -70.87 -19.28
C SER A 73 -45.23 -69.93 -19.14
N SER A 74 -44.95 -69.49 -17.92
CA SER A 74 -43.85 -68.57 -17.69
C SER A 74 -43.51 -68.37 -16.22
N THR A 75 -42.26 -67.99 -15.96
CA THR A 75 -41.89 -67.43 -14.66
C THR A 75 -42.09 -65.93 -14.71
N THR A 76 -42.26 -65.30 -13.56
CA THR A 76 -42.22 -63.83 -13.53
C THR A 76 -41.36 -63.37 -12.35
N ARG A 77 -40.46 -62.43 -12.61
CA ARG A 77 -39.72 -61.77 -11.54
C ARG A 77 -40.61 -60.72 -10.92
N ILE A 78 -40.41 -60.40 -9.65
CA ILE A 78 -41.20 -59.36 -9.00
C ILE A 78 -40.28 -58.33 -8.35
N HIS A 79 -40.56 -57.05 -8.58
CA HIS A 79 -39.64 -55.98 -8.16
C HIS A 79 -40.18 -55.01 -7.11
N SER A 80 -40.76 -55.50 -6.03
CA SER A 80 -41.10 -54.63 -4.92
C SER A 80 -39.86 -54.25 -4.13
N GLN A 81 -39.87 -53.08 -3.52
CA GLN A 81 -38.74 -52.58 -2.75
C GLN A 81 -38.48 -53.44 -1.53
N GLY A 82 -37.20 -53.69 -1.24
CA GLY A 82 -36.81 -54.48 -0.08
C GLY A 82 -36.57 -53.67 1.18
N SER A 83 -36.41 -54.36 2.30
CA SER A 83 -36.09 -53.68 3.55
C SER A 83 -34.61 -53.29 3.57
N VAL A 84 -34.30 -52.24 4.33
CA VAL A 84 -32.96 -51.70 4.40
C VAL A 84 -32.33 -51.96 5.76
N GLN A 85 -31.01 -52.16 5.80
CA GLN A 85 -30.33 -52.05 7.08
C GLN A 85 -29.08 -51.20 6.94
N THR A 86 -28.76 -50.48 8.00
CA THR A 86 -27.57 -49.64 8.02
C THR A 86 -26.32 -50.48 8.16
N THR A 87 -25.20 -49.96 7.68
CA THR A 87 -23.91 -50.59 7.89
C THR A 87 -22.94 -49.55 8.44
N ASP A 88 -21.68 -49.94 8.66
CA ASP A 88 -20.68 -49.00 9.13
C ASP A 88 -19.73 -48.55 8.04
N LYS A 89 -19.89 -49.10 6.85
CA LYS A 89 -19.04 -48.73 5.73
C LYS A 89 -19.72 -47.61 4.95
N ASN A 90 -19.05 -46.47 4.81
CA ASN A 90 -19.64 -45.30 4.16
C ASN A 90 -19.96 -45.52 2.70
N THR A 91 -19.18 -46.35 2.05
CA THR A 91 -19.28 -46.51 0.60
C THR A 91 -20.12 -47.71 0.18
N ASP A 92 -21.38 -47.74 0.57
CA ASP A 92 -22.26 -48.84 0.19
C ASP A 92 -23.71 -48.41 0.03
N VAL A 93 -23.96 -47.54 -0.93
CA VAL A 93 -25.29 -46.97 -1.12
C VAL A 93 -26.34 -47.99 -1.56
N ALA A 94 -27.58 -47.72 -1.22
CA ALA A 94 -28.71 -48.50 -1.72
C ALA A 94 -29.77 -47.56 -2.26
N ILE A 95 -30.22 -47.77 -3.49
CA ILE A 95 -31.11 -46.84 -4.14
C ILE A 95 -32.47 -46.94 -3.45
N ASN A 96 -33.22 -45.86 -3.46
CA ASN A 96 -34.47 -45.81 -2.72
C ASN A 96 -35.66 -45.50 -3.60
N GLY A 97 -35.88 -46.34 -4.60
CA GLY A 97 -36.99 -46.14 -5.51
C GLY A 97 -36.89 -47.05 -6.71
N ASP A 98 -36.19 -46.60 -7.75
CA ASP A 98 -36.12 -47.34 -9.00
C ASP A 98 -34.84 -46.99 -9.74
N GLY A 99 -34.44 -47.84 -10.67
CA GLY A 99 -33.21 -47.64 -11.40
C GLY A 99 -32.09 -48.50 -10.85
N PHE A 100 -31.06 -48.73 -11.67
CA PHE A 100 -30.03 -49.69 -11.34
C PHE A 100 -28.64 -49.07 -11.44
N PHE A 101 -27.66 -49.65 -10.76
CA PHE A 101 -26.25 -49.34 -10.99
C PHE A 101 -25.72 -49.97 -12.27
N MET A 102 -24.79 -49.30 -12.94
CA MET A 102 -24.13 -49.92 -14.09
C MET A 102 -22.74 -50.42 -13.71
N VAL A 103 -22.32 -51.52 -14.33
CA VAL A 103 -20.95 -51.99 -14.18
C VAL A 103 -20.48 -52.54 -15.52
N SER A 104 -19.18 -52.69 -15.67
CA SER A 104 -18.65 -53.31 -16.87
C SER A 104 -17.28 -53.87 -16.61
N ASP A 105 -16.96 -54.96 -17.31
CA ASP A 105 -15.66 -55.58 -17.20
C ASP A 105 -14.63 -54.86 -18.05
N ASP A 106 -15.11 -53.99 -18.93
CA ASP A 106 -14.25 -53.36 -19.92
C ASP A 106 -14.18 -51.85 -19.74
N GLY A 107 -14.25 -51.15 -20.86
CA GLY A 107 -14.34 -49.70 -20.85
C GLY A 107 -15.79 -49.27 -20.74
N GLY A 108 -16.68 -50.24 -20.66
CA GLY A 108 -18.09 -49.95 -20.56
C GLY A 108 -18.90 -50.39 -21.77
N LEU A 109 -18.27 -51.15 -22.65
CA LEU A 109 -18.93 -51.64 -23.84
C LEU A 109 -20.08 -52.59 -23.52
N THR A 110 -19.98 -53.28 -22.38
CA THR A 110 -20.99 -54.25 -21.99
C THR A 110 -21.48 -54.01 -20.58
N ASN A 111 -22.44 -53.10 -20.42
CA ASN A 111 -22.93 -52.76 -19.10
C ASN A 111 -23.78 -53.87 -18.48
N TYR A 112 -23.71 -53.99 -17.16
CA TYR A 112 -24.57 -54.89 -16.41
C TYR A 112 -25.24 -54.13 -15.31
N LEU A 113 -26.50 -54.44 -15.03
CA LEU A 113 -27.26 -53.68 -14.06
C LEU A 113 -27.46 -54.44 -12.77
N THR A 114 -27.37 -53.74 -11.64
CA THR A 114 -27.50 -54.34 -10.32
C THR A 114 -28.19 -53.41 -9.34
N ARG A 115 -28.79 -53.97 -8.30
CA ARG A 115 -29.30 -53.15 -7.20
C ARG A 115 -28.48 -53.33 -5.94
N SER A 116 -27.54 -54.28 -5.96
CA SER A 116 -26.62 -54.45 -4.85
C SER A 116 -25.58 -53.35 -4.86
N GLY A 117 -25.03 -53.02 -3.70
CA GLY A 117 -24.06 -51.95 -3.63
C GLY A 117 -22.99 -52.11 -2.57
N ASP A 118 -22.12 -53.09 -2.74
CA ASP A 118 -21.00 -53.28 -1.85
C ASP A 118 -19.74 -52.68 -2.43
N PHE A 119 -19.81 -51.41 -2.80
CA PHE A 119 -18.70 -50.77 -3.49
C PHE A 119 -17.52 -50.54 -2.57
N LYS A 120 -16.31 -50.62 -3.11
CA LYS A 120 -15.10 -50.47 -2.31
C LYS A 120 -13.87 -50.16 -3.18
N LEU A 121 -12.94 -49.39 -2.65
CA LEU A 121 -11.70 -49.09 -3.36
C LEU A 121 -10.69 -50.23 -3.32
N ASP A 122 -9.87 -50.31 -4.35
CA ASP A 122 -8.76 -51.25 -4.36
C ASP A 122 -7.48 -50.57 -3.92
N ALA A 123 -6.36 -51.29 -3.98
CA ALA A 123 -5.08 -50.68 -3.75
C ALA A 123 -4.85 -49.64 -4.83
N TYR A 124 -5.39 -49.93 -5.99
CA TYR A 124 -5.38 -49.01 -7.11
C TYR A 124 -6.64 -48.16 -7.06
N GLY A 125 -6.70 -47.12 -7.89
CA GLY A 125 -7.75 -46.14 -7.73
C GLY A 125 -9.16 -46.54 -8.11
N ASN A 126 -9.29 -47.57 -8.93
CA ASN A 126 -10.59 -47.99 -9.45
C ASN A 126 -11.58 -48.39 -8.37
N PHE A 127 -12.85 -48.06 -8.60
CA PHE A 127 -13.88 -48.14 -7.57
C PHE A 127 -14.76 -49.35 -7.80
N VAL A 128 -14.49 -50.44 -7.07
CA VAL A 128 -14.94 -51.77 -7.46
C VAL A 128 -15.94 -52.40 -6.48
N ASN A 129 -16.90 -53.16 -7.00
CA ASN A 129 -17.79 -53.95 -6.15
C ASN A 129 -17.15 -55.29 -5.76
N ASN A 130 -17.97 -56.23 -5.31
CA ASN A 130 -17.48 -57.59 -5.09
C ASN A 130 -17.08 -58.27 -6.39
N ALA A 131 -15.93 -58.92 -6.38
CA ALA A 131 -15.47 -59.72 -7.51
C ALA A 131 -15.41 -58.96 -8.84
N GLY A 132 -14.43 -58.08 -8.98
CA GLY A 132 -14.05 -57.60 -10.29
C GLY A 132 -14.55 -56.27 -10.83
N PHE A 133 -15.81 -56.22 -11.23
CA PHE A 133 -16.29 -55.18 -12.13
C PHE A 133 -16.19 -53.78 -11.57
N VAL A 134 -15.85 -52.82 -12.43
CA VAL A 134 -15.70 -51.43 -12.04
C VAL A 134 -16.94 -50.62 -12.34
N VAL A 135 -17.50 -49.98 -11.32
CA VAL A 135 -18.74 -49.24 -11.50
C VAL A 135 -18.56 -48.03 -12.41
N GLN A 136 -19.52 -47.84 -13.30
CA GLN A 136 -19.54 -46.73 -14.24
C GLN A 136 -19.96 -45.42 -13.60
N GLY A 137 -19.57 -44.31 -14.22
CA GLY A 137 -19.90 -42.98 -13.74
C GLY A 137 -18.92 -42.02 -14.36
N TRP A 138 -18.63 -40.91 -13.71
CA TRP A 138 -17.61 -40.01 -14.27
C TRP A 138 -16.81 -39.18 -13.28
N ASN A 139 -15.57 -38.92 -13.69
CA ASN A 139 -14.52 -38.35 -12.86
C ASN A 139 -14.44 -36.82 -12.95
N ILE A 140 -13.83 -36.18 -11.96
CA ILE A 140 -13.68 -34.73 -11.99
C ILE A 140 -12.54 -34.26 -12.87
N ASN A 141 -12.67 -33.05 -13.38
CA ASN A 141 -11.59 -32.39 -14.11
C ASN A 141 -10.89 -31.34 -13.27
N TRP A 142 -9.63 -31.59 -12.92
CA TRP A 142 -8.92 -30.71 -12.01
C TRP A 142 -8.69 -29.32 -12.53
N ASP A 143 -8.65 -29.17 -13.84
CA ASP A 143 -8.43 -27.85 -14.41
C ASP A 143 -9.59 -26.93 -14.03
N ASP A 144 -10.80 -27.51 -13.95
CA ASP A 144 -11.98 -26.73 -13.62
C ASP A 144 -12.48 -26.98 -12.21
N GLN A 145 -11.97 -28.02 -11.56
CA GLN A 145 -12.46 -28.49 -10.27
C GLN A 145 -13.93 -28.88 -10.39
N THR A 146 -14.35 -29.37 -11.55
CA THR A 146 -15.77 -29.62 -11.78
C THR A 146 -16.08 -30.97 -12.43
N ILE A 147 -17.15 -31.60 -11.94
CA ILE A 147 -17.68 -32.81 -12.56
C ILE A 147 -18.43 -32.44 -13.84
N ASP A 148 -18.41 -33.33 -14.83
CA ASP A 148 -19.02 -33.02 -16.12
C ASP A 148 -20.03 -34.09 -16.51
N SER A 149 -21.22 -34.03 -15.93
CA SER A 149 -22.16 -35.14 -15.99
C SER A 149 -22.67 -35.49 -17.37
N SER A 150 -22.69 -34.52 -18.26
CA SER A 150 -23.40 -34.65 -19.54
C SER A 150 -22.90 -35.75 -20.47
N ARG A 151 -21.62 -36.08 -20.39
CA ARG A 151 -21.02 -37.04 -21.31
C ARG A 151 -21.18 -38.49 -20.84
N THR A 152 -20.86 -39.42 -21.73
CA THR A 152 -20.99 -40.85 -21.41
C THR A 152 -20.09 -41.25 -20.27
N PRO A 153 -20.58 -42.16 -19.42
CA PRO A 153 -19.83 -42.65 -18.26
C PRO A 153 -18.55 -43.38 -18.62
N GLN A 154 -17.53 -43.22 -17.78
CA GLN A 154 -16.32 -44.02 -17.88
C GLN A 154 -16.20 -44.85 -16.62
N ASN A 155 -15.15 -45.65 -16.52
CA ASN A 155 -14.84 -46.26 -15.24
C ASN A 155 -14.47 -45.20 -14.25
N ILE A 156 -14.95 -45.32 -13.02
CA ILE A 156 -14.52 -44.40 -11.98
C ILE A 156 -13.07 -44.69 -11.65
N PHE A 157 -12.28 -43.65 -11.46
CA PHE A 157 -10.89 -43.83 -11.07
C PHE A 157 -10.47 -42.77 -10.08
N ILE A 158 -10.36 -43.17 -8.82
CA ILE A 158 -9.95 -42.27 -7.76
C ILE A 158 -8.61 -42.72 -7.24
N ASP A 159 -7.53 -42.24 -7.84
CA ASP A 159 -6.20 -42.68 -7.45
C ASP A 159 -5.99 -42.32 -6.00
N PRO A 160 -5.60 -43.30 -5.18
CA PRO A 160 -5.53 -43.10 -3.73
C PRO A 160 -4.59 -41.98 -3.33
N GLY A 161 -3.55 -41.76 -4.13
CA GLY A 161 -2.62 -40.69 -3.85
C GLY A 161 -2.90 -39.46 -4.68
N MET A 162 -4.12 -38.94 -4.58
CA MET A 162 -4.44 -37.71 -5.29
C MET A 162 -3.56 -36.62 -4.75
N HIS A 163 -3.15 -35.71 -5.61
CA HIS A 163 -2.27 -34.64 -5.21
C HIS A 163 -2.70 -33.35 -5.87
N ILE A 164 -3.01 -32.35 -5.06
CA ILE A 164 -3.38 -31.06 -5.60
C ILE A 164 -2.18 -30.14 -5.65
N PRO A 165 -1.81 -29.69 -6.85
CA PRO A 165 -0.76 -28.68 -6.95
C PRO A 165 -1.19 -27.40 -6.27
N ALA A 166 -0.25 -26.70 -5.65
CA ALA A 166 -0.56 -25.45 -4.98
C ALA A 166 -0.94 -24.38 -5.98
N ALA A 167 -1.93 -23.57 -5.65
CA ALA A 167 -2.31 -22.47 -6.52
C ALA A 167 -1.51 -21.22 -6.18
N LYS A 168 -0.86 -20.66 -7.19
CA LYS A 168 -0.14 -19.41 -7.04
C LYS A 168 -1.09 -18.29 -6.73
N SER A 169 -0.74 -17.42 -5.80
CA SER A 169 -1.51 -16.21 -5.61
C SER A 169 -1.24 -15.32 -6.80
N THR A 170 -2.25 -14.63 -7.29
CA THR A 170 -2.07 -13.78 -8.47
C THR A 170 -2.49 -12.36 -8.22
N GLU A 171 -3.22 -12.13 -7.14
CA GLU A 171 -3.77 -10.82 -6.85
C GLU A 171 -3.70 -10.53 -5.37
N VAL A 172 -3.61 -9.26 -5.01
CA VAL A 172 -3.60 -8.88 -3.60
C VAL A 172 -4.47 -7.65 -3.39
N ALA A 173 -5.24 -7.63 -2.31
CA ALA A 173 -6.15 -6.53 -2.04
C ALA A 173 -6.00 -5.97 -0.63
N ILE A 174 -6.27 -4.67 -0.50
CA ILE A 174 -6.16 -3.95 0.76
C ILE A 174 -7.22 -2.85 0.86
N LYS A 175 -7.71 -2.58 2.07
CA LYS A 175 -8.46 -1.35 2.28
C LYS A 175 -7.96 -0.65 3.54
N ALA A 176 -7.59 0.62 3.42
CA ALA A 176 -6.96 1.29 4.54
C ALA A 176 -7.15 2.80 4.51
N ASN A 177 -7.41 3.37 5.68
CA ASN A 177 -7.43 4.82 5.84
C ASN A 177 -6.01 5.35 5.99
N LEU A 178 -5.78 6.59 5.60
CA LEU A 178 -4.48 7.22 5.80
C LEU A 178 -4.64 8.65 6.29
N ASN A 179 -4.11 8.95 7.46
CA ASN A 179 -4.39 10.26 8.05
C ASN A 179 -3.59 11.37 7.41
N SER A 180 -4.29 12.12 6.56
CA SER A 180 -3.75 13.30 5.93
C SER A 180 -3.77 14.48 6.88
N GLY A 181 -4.41 14.28 8.03
CA GLY A 181 -4.66 15.37 8.95
C GLY A 181 -3.47 15.75 9.79
N LEU A 182 -3.69 16.68 10.72
CA LEU A 182 -2.63 17.32 11.46
C LEU A 182 -2.14 16.60 12.72
N ASN A 183 -2.80 15.52 13.10
CA ASN A 183 -2.48 14.91 14.39
C ASN A 183 -2.07 13.45 14.35
N ILE A 184 -0.95 13.18 13.71
CA ILE A 184 -0.39 11.83 13.79
C ILE A 184 0.19 11.67 15.19
N GLY A 185 0.27 10.43 15.65
CA GLY A 185 0.88 10.17 16.94
C GLY A 185 1.79 8.96 16.85
N THR A 186 3.09 9.20 16.82
CA THR A 186 4.09 8.13 16.74
C THR A 186 3.84 7.22 15.55
N SER A 187 3.24 7.77 14.51
CA SER A 187 3.08 7.05 13.26
C SER A 187 3.95 7.74 12.22
N SER A 188 5.14 8.14 12.66
CA SER A 188 5.95 9.07 11.90
C SER A 188 7.10 8.41 11.17
N ARG A 189 8.05 9.24 10.78
CA ARG A 189 9.33 8.80 10.28
C ARG A 189 10.26 10.00 10.37
N ASN A 190 11.55 9.78 10.51
CA ASN A 190 12.50 10.87 10.48
C ASN A 190 12.61 11.47 9.09
N LEU A 191 12.89 12.76 9.02
CA LEU A 191 13.06 13.46 7.74
C LEU A 191 14.30 12.94 7.03
N TYR A 192 14.29 13.00 5.70
CA TYR A 192 15.39 12.46 4.89
C TYR A 192 16.70 13.22 5.07
N ALA A 193 17.81 12.50 5.06
CA ALA A 193 19.14 13.11 5.20
C ALA A 193 19.53 13.94 3.99
N LEU A 194 20.33 14.98 4.20
CA LEU A 194 20.83 15.81 3.10
C LEU A 194 22.31 16.13 3.18
N ASP A 195 23.13 15.14 2.84
CA ASP A 195 24.57 15.33 2.76
C ASP A 195 24.95 16.27 1.62
N SER A 196 24.17 16.25 0.54
CA SER A 196 24.57 16.91 -0.69
C SER A 196 24.71 18.40 -0.50
N VAL A 197 25.69 18.97 -1.17
CA VAL A 197 25.83 20.42 -1.21
C VAL A 197 24.66 20.98 -2.01
N HIS A 198 24.40 20.39 -3.17
CA HIS A 198 23.20 20.66 -3.95
C HIS A 198 23.18 19.79 -5.21
N GLY A 199 22.46 18.68 -5.17
CA GLY A 199 22.39 17.79 -6.31
C GLY A 199 23.65 16.96 -6.48
N TRP A 200 24.39 16.82 -5.39
CA TRP A 200 25.65 16.08 -5.40
C TRP A 200 25.85 15.23 -4.16
N ASN A 201 25.71 13.93 -4.28
CA ASN A 201 26.12 13.07 -3.18
C ASN A 201 27.61 13.25 -2.99
N THR A 202 28.05 13.26 -1.74
CA THR A 202 29.47 13.34 -1.47
C THR A 202 30.04 11.95 -1.31
N LYS A 203 29.17 10.99 -1.05
CA LYS A 203 29.55 9.58 -1.00
C LYS A 203 29.92 9.17 -2.41
N THR A 204 28.92 8.63 -3.12
CA THR A 204 29.03 8.50 -4.55
C THR A 204 29.16 9.92 -5.04
N GLN A 205 30.07 10.20 -5.94
CA GLN A 205 30.25 11.57 -6.36
C GLN A 205 29.57 11.86 -7.69
N ARG A 206 28.69 10.97 -8.10
CA ARG A 206 27.87 11.24 -9.27
C ARG A 206 26.92 12.40 -8.99
N ALA A 207 26.67 13.21 -10.00
CA ALA A 207 25.76 14.33 -9.86
C ALA A 207 24.33 13.94 -10.18
N GLU A 208 23.57 13.54 -9.17
CA GLU A 208 22.14 13.37 -9.36
C GLU A 208 21.38 14.39 -8.54
N ASP A 209 20.72 15.30 -9.24
CA ASP A 209 20.03 16.40 -8.61
C ASP A 209 18.77 15.98 -7.88
N GLU A 210 18.49 16.66 -6.78
CA GLU A 210 17.40 16.32 -5.90
C GLU A 210 16.11 17.00 -6.36
N ASN A 211 14.99 16.69 -5.68
CA ASN A 211 13.67 17.29 -5.92
C ASN A 211 12.98 16.74 -7.15
N ASP A 212 13.57 15.72 -7.74
CA ASP A 212 13.04 15.15 -8.97
C ASP A 212 11.71 14.43 -8.77
N THR A 213 11.47 14.00 -7.53
CA THR A 213 10.33 13.14 -7.21
C THR A 213 10.45 11.89 -8.10
N GLY A 214 11.69 11.40 -8.19
CA GLY A 214 12.02 10.25 -8.98
C GLY A 214 13.50 10.02 -8.79
N THR A 215 14.02 8.92 -9.33
CA THR A 215 15.42 8.54 -9.15
C THR A 215 15.77 8.54 -7.67
N THR A 216 14.88 7.99 -6.85
CA THR A 216 15.09 7.93 -5.42
C THR A 216 16.37 7.14 -5.17
N GLN A 217 17.16 7.56 -4.19
CA GLN A 217 18.44 6.91 -4.00
C GLN A 217 18.73 6.49 -2.57
N PHE A 218 19.42 5.36 -2.48
CA PHE A 218 19.56 4.56 -1.28
C PHE A 218 20.95 4.62 -0.66
N TYR A 219 21.06 4.14 0.57
CA TYR A 219 22.36 3.94 1.19
C TYR A 219 22.22 2.88 2.28
N THR A 220 23.27 2.10 2.51
CA THR A 220 23.32 1.22 3.67
C THR A 220 23.45 2.06 4.93
N THR A 221 22.71 1.69 5.97
CA THR A 221 22.66 2.52 7.17
C THR A 221 23.68 2.13 8.20
N SER A 222 23.65 2.82 9.33
CA SER A 222 24.60 2.59 10.41
C SER A 222 24.47 1.18 10.95
N LYS A 223 23.28 0.61 10.81
CA LYS A 223 23.09 -0.81 11.09
C LYS A 223 23.48 -1.60 9.86
N ASN A 224 22.49 -1.97 9.06
CA ASN A 224 22.76 -2.63 7.80
C ASN A 224 21.61 -2.47 6.81
N SER A 225 20.48 -2.00 7.31
CA SER A 225 19.29 -1.84 6.48
C SER A 225 19.50 -0.81 5.39
N VAL A 226 18.90 -1.04 4.23
CA VAL A 226 18.98 -0.08 3.14
C VAL A 226 17.90 0.99 3.31
N GLU A 227 18.26 2.27 3.19
CA GLU A 227 17.24 3.32 3.29
C GLU A 227 17.46 4.54 2.40
N VAL A 228 16.37 5.29 2.25
CA VAL A 228 16.31 6.48 1.40
C VAL A 228 17.18 7.63 1.92
N THR A 229 17.78 8.35 0.99
CA THR A 229 18.58 9.52 1.33
C THR A 229 18.43 10.59 0.24
N GLU A 230 18.76 11.83 0.58
CA GLU A 230 18.76 12.94 -0.37
C GLU A 230 17.42 13.17 -1.07
N LYS A 231 16.34 13.27 -0.31
CA LYS A 231 15.06 13.62 -0.90
C LYS A 231 14.44 14.84 -0.27
N GLY A 232 14.24 15.88 -1.08
CA GLY A 232 13.60 17.10 -0.60
C GLY A 232 12.12 16.89 -0.38
N VAL A 233 11.53 17.69 0.49
CA VAL A 233 10.15 17.51 0.90
C VAL A 233 9.45 18.87 0.89
N ASP A 234 8.14 18.87 0.70
CA ASP A 234 7.38 20.08 0.40
C ASP A 234 7.50 21.11 1.50
N ALA A 235 7.83 20.65 2.71
CA ALA A 235 7.93 21.47 3.91
C ALA A 235 6.56 21.85 4.43
N GLY A 236 5.55 21.69 3.58
CA GLY A 236 4.18 21.87 4.01
C GLY A 236 3.66 20.59 4.64
N ALA A 237 4.48 19.55 4.61
CA ALA A 237 4.09 18.26 5.17
C ALA A 237 4.75 18.01 6.51
N LEU A 238 5.62 18.91 6.93
CA LEU A 238 6.41 18.71 8.13
C LEU A 238 5.60 18.64 9.40
N PHE A 239 5.97 17.72 10.29
CA PHE A 239 5.36 17.58 11.60
C PHE A 239 6.46 17.65 12.64
N ASN A 240 6.16 18.16 13.83
CA ASN A 240 7.18 18.20 14.88
C ASN A 240 7.30 16.87 15.59
N ALA A 241 8.01 16.85 16.71
CA ALA A 241 8.22 15.62 17.46
C ALA A 241 6.90 15.07 18.01
N ASN A 242 5.95 15.96 18.29
CA ASN A 242 4.67 15.58 18.85
C ASN A 242 3.72 15.05 17.79
N GLY A 243 4.10 15.22 16.53
CA GLY A 243 3.29 14.76 15.43
C GLY A 243 2.22 15.74 15.03
N THR A 244 2.14 16.88 15.72
CA THR A 244 1.27 17.94 15.27
C THR A 244 1.80 18.56 13.98
N GLY A 245 0.88 18.93 13.10
CA GLY A 245 1.25 19.63 11.89
C GLY A 245 1.74 21.03 12.15
N LEU A 246 2.84 21.41 11.52
CA LEU A 246 3.29 22.79 11.56
C LEU A 246 2.30 23.66 10.79
N ASN A 247 1.64 23.06 9.80
CA ASN A 247 0.58 23.69 9.05
C ASN A 247 1.00 24.99 8.39
N LEU A 248 2.22 25.01 7.87
CA LEU A 248 2.75 26.21 7.25
C LEU A 248 1.95 26.48 5.97
N ARG A 249 1.69 27.75 5.66
CA ARG A 249 0.91 28.11 4.47
C ARG A 249 1.33 29.39 3.80
N ASP A 250 0.93 29.53 2.54
CA ASP A 250 0.98 30.79 1.82
C ASP A 250 2.34 31.45 1.80
N GLY A 251 2.37 32.72 2.20
CA GLY A 251 3.57 33.52 2.19
C GLY A 251 4.25 33.64 3.53
N GLN A 252 3.98 32.71 4.43
CA GLN A 252 4.61 32.74 5.75
C GLN A 252 6.12 32.45 5.69
N GLY A 253 6.85 32.98 6.67
CA GLY A 253 8.29 32.81 6.70
C GLY A 253 8.95 33.24 8.00
N ILE A 254 10.28 33.36 8.01
CA ILE A 254 11.01 33.67 9.23
C ILE A 254 12.18 34.62 9.04
N TRP A 255 12.26 35.66 9.86
CA TRP A 255 13.45 36.49 9.93
C TRP A 255 14.60 35.73 10.56
N VAL A 256 15.80 35.85 10.01
CA VAL A 256 16.95 35.11 10.52
C VAL A 256 18.22 35.94 10.50
N SER A 257 18.70 36.34 11.67
CA SER A 257 19.91 37.14 11.75
C SER A 257 21.12 36.29 12.12
N TYR A 258 22.21 36.49 11.38
CA TYR A 258 23.43 35.74 11.61
C TYR A 258 24.38 36.51 12.52
N ALA A 259 24.18 37.81 12.60
CA ALA A 259 24.97 38.65 13.49
C ALA A 259 24.28 39.98 13.74
N ASP A 260 24.55 40.58 14.89
CA ASP A 260 23.90 41.81 15.29
C ASP A 260 24.29 43.00 14.42
N ALA A 261 23.30 43.81 14.08
CA ALA A 261 23.54 45.00 13.27
C ALA A 261 24.36 46.00 14.06
N LYS A 262 25.26 46.68 13.38
CA LYS A 262 26.14 47.63 14.05
C LYS A 262 26.65 48.70 13.10
N PHE A 263 26.81 49.91 13.62
CA PHE A 263 27.40 50.99 12.86
C PHE A 263 27.96 52.00 13.84
N THR A 264 28.91 52.80 13.39
CA THR A 264 29.46 53.81 14.27
C THR A 264 29.70 55.09 13.50
N THR A 265 29.49 56.20 14.17
CA THR A 265 29.79 57.51 13.63
C THR A 265 31.29 57.56 13.32
N ASP A 266 31.67 58.32 12.30
CA ASP A 266 33.06 58.28 11.87
C ASP A 266 33.75 59.64 11.92
N ARG A 267 34.44 59.93 13.01
CA ARG A 267 35.22 61.16 13.11
C ARG A 267 36.39 61.14 12.14
N ALA A 268 36.68 62.29 11.54
CA ALA A 268 37.91 62.45 10.78
C ALA A 268 39.08 62.56 11.74
N ASN A 269 40.25 62.10 11.33
CA ASN A 269 41.42 62.12 12.19
C ASN A 269 41.91 63.52 12.54
N GLY A 270 41.61 64.49 11.69
CA GLY A 270 42.04 65.85 11.94
C GLY A 270 41.17 66.61 12.92
N ALA A 271 40.01 66.05 13.22
CA ALA A 271 39.03 66.71 14.08
C ALA A 271 39.41 66.68 15.55
N ASN A 272 38.86 67.62 16.31
CA ASN A 272 38.98 67.60 17.76
C ASN A 272 37.63 67.72 18.44
N VAL A 273 37.51 67.06 19.59
CA VAL A 273 36.31 67.15 20.41
C VAL A 273 36.18 68.56 20.97
N PHE A 274 34.93 69.02 21.14
CA PHE A 274 34.70 70.34 21.72
C PHE A 274 35.25 70.40 23.15
N ASP A 275 35.85 71.55 23.49
CA ASP A 275 36.61 71.68 24.72
C ASP A 275 36.22 72.93 25.51
N PRO A 276 35.10 72.86 26.24
CA PRO A 276 34.57 74.00 26.99
C PRO A 276 35.55 74.52 28.02
N ASN A 277 36.38 73.65 28.57
CA ASN A 277 37.33 74.04 29.62
C ASN A 277 38.35 75.09 29.20
N LEU A 278 38.82 75.03 27.96
CA LEU A 278 39.87 75.93 27.52
C LEU A 278 39.31 77.30 27.12
N THR A 279 40.18 78.30 27.13
CA THR A 279 39.79 79.68 26.92
C THR A 279 40.24 80.28 25.60
N VAL A 280 40.55 79.45 24.61
CA VAL A 280 41.01 79.97 23.33
C VAL A 280 39.92 80.84 22.73
N ALA A 281 40.32 81.95 22.11
CA ALA A 281 39.36 82.94 21.65
C ALA A 281 38.41 82.37 20.60
N GLN A 282 38.89 81.39 19.85
CA GLN A 282 38.03 80.70 18.89
C GLN A 282 38.54 79.33 18.54
N GLN A 283 37.85 78.31 19.03
CA GLN A 283 38.16 76.94 18.64
C GLN A 283 37.86 76.75 17.16
N ASN A 284 38.73 76.00 16.50
CA ASN A 284 38.62 75.83 15.06
C ASN A 284 37.53 74.85 14.67
N ASN A 285 37.90 73.88 13.84
CA ASN A 285 36.93 72.99 13.24
C ASN A 285 36.57 71.83 14.17
N VAL A 286 36.37 72.15 15.43
CA VAL A 286 36.04 71.15 16.43
C VAL A 286 34.64 70.61 16.18
N ILE A 287 34.43 69.36 16.58
CA ILE A 287 33.09 68.79 16.59
C ILE A 287 32.33 69.43 17.74
N PHE A 288 31.02 69.51 17.61
CA PHE A 288 30.20 70.21 18.60
C PHE A 288 28.86 69.53 18.77
N TRP A 289 28.41 69.41 20.01
CA TRP A 289 27.15 68.73 20.30
C TRP A 289 26.21 69.54 21.16
N GLY A 290 26.18 70.84 20.95
CA GLY A 290 25.27 71.68 21.70
C GLY A 290 25.90 72.16 22.99
N ASN A 291 25.27 73.15 23.59
CA ASN A 291 25.80 73.80 24.76
C ASN A 291 24.70 74.62 25.40
N LYS A 292 24.88 75.00 26.65
CA LYS A 292 23.87 75.77 27.36
C LYS A 292 23.60 77.05 26.59
N ASP A 293 24.60 77.53 25.88
CA ASP A 293 24.47 78.70 25.06
C ASP A 293 23.82 78.37 23.73
N ILE A 294 24.16 77.21 23.18
CA ILE A 294 23.82 76.91 21.80
C ILE A 294 23.07 75.60 21.60
N ALA A 295 21.89 75.70 21.02
CA ALA A 295 21.14 74.53 20.59
C ALA A 295 21.74 73.93 19.33
N VAL A 296 21.57 72.62 19.15
CA VAL A 296 21.92 72.02 17.88
C VAL A 296 20.80 71.15 17.32
N THR A 297 20.44 71.42 16.07
CA THR A 297 19.46 70.63 15.34
C THR A 297 20.04 69.27 14.96
N LEU A 298 19.17 68.28 14.78
CA LEU A 298 19.63 66.96 14.36
C LEU A 298 18.63 66.19 13.50
N ASP A 299 18.15 66.82 12.44
CA ASP A 299 17.16 66.17 11.58
C ASP A 299 17.76 64.89 11.04
N ILE A 300 17.00 63.81 11.11
CA ILE A 300 17.48 62.49 10.73
C ILE A 300 16.32 61.51 10.57
N ASN A 301 16.51 60.49 9.75
CA ASN A 301 15.48 59.49 9.53
C ASN A 301 16.04 58.08 9.44
N LEU A 302 16.02 57.35 10.53
CA LEU A 302 16.47 55.96 10.50
C LEU A 302 15.30 55.00 10.60
N ASN A 303 15.31 53.99 9.72
CA ASN A 303 14.25 53.00 9.62
C ASN A 303 12.88 53.62 9.38
N GLY A 304 12.85 54.79 8.78
CA GLY A 304 11.61 55.42 8.37
C GLY A 304 10.91 56.22 9.45
N VAL A 305 11.46 56.21 10.65
CA VAL A 305 10.91 56.99 11.74
C VAL A 305 11.73 58.24 11.93
N ARG A 306 11.20 59.37 11.46
CA ARG A 306 11.94 60.62 11.47
C ARG A 306 12.23 61.10 12.89
N ILE A 307 13.46 61.52 13.13
CA ILE A 307 13.85 62.11 14.40
C ILE A 307 14.20 63.57 14.22
N GLN A 308 13.51 64.43 14.94
CA GLN A 308 13.70 65.86 14.84
C GLN A 308 13.72 66.54 16.19
N ASN A 309 14.71 67.37 16.42
CA ASN A 309 14.74 68.19 17.61
C ASN A 309 15.74 69.33 17.48
N ASP A 310 15.50 70.41 18.20
CA ASP A 310 16.40 71.55 18.13
C ASP A 310 16.52 72.26 19.47
N ASN A 311 16.44 71.50 20.55
CA ASN A 311 16.71 72.05 21.86
C ASN A 311 17.92 71.34 22.47
N ILE A 312 18.64 70.61 21.64
CA ILE A 312 19.74 69.79 22.12
C ILE A 312 20.81 70.63 22.80
N ARG A 313 21.33 70.14 23.91
CA ARG A 313 22.32 70.85 24.69
C ARG A 313 23.59 70.04 24.86
N SER A 314 23.46 68.73 24.74
CA SER A 314 24.58 67.82 24.89
C SER A 314 24.29 66.55 24.14
N LEU A 315 25.33 65.82 23.75
CA LEU A 315 25.15 64.65 22.90
C LEU A 315 24.30 63.60 23.58
N ASP A 316 24.38 63.52 24.90
CA ASP A 316 23.63 62.51 25.62
C ASP A 316 22.13 62.74 25.51
N GLU A 317 21.72 63.99 25.40
CA GLU A 317 20.31 64.26 25.17
C GLU A 317 19.90 63.71 23.83
N ALA A 318 20.81 63.78 22.87
CA ALA A 318 20.54 63.21 21.57
C ALA A 318 20.42 61.71 21.72
N ILE A 319 21.23 61.14 22.60
CA ILE A 319 21.23 59.70 22.78
C ILE A 319 19.91 59.25 23.38
N ALA A 320 19.43 60.00 24.36
CA ALA A 320 18.19 59.65 25.02
C ALA A 320 17.03 59.80 24.05
N TYR A 321 17.00 60.95 23.38
CA TYR A 321 15.88 61.28 22.52
C TYR A 321 15.81 60.30 21.36
N ILE A 322 16.96 59.82 20.92
CA ILE A 322 16.98 58.76 19.92
C ILE A 322 16.49 57.46 20.53
N ASN A 323 16.86 57.20 21.76
CA ASN A 323 16.48 55.94 22.41
C ASN A 323 14.98 55.86 22.64
N THR A 324 14.32 57.00 22.66
CA THR A 324 12.88 57.03 22.83
C THR A 324 12.12 56.36 21.69
N PHE A 325 12.72 56.35 20.50
CA PHE A 325 12.06 55.80 19.33
C PHE A 325 12.29 54.30 19.13
N THR A 326 13.04 53.69 20.03
CA THR A 326 13.45 52.30 19.83
C THR A 326 12.29 51.31 19.85
N ALA A 327 11.18 51.67 20.49
CA ALA A 327 10.06 50.74 20.57
C ALA A 327 8.78 51.37 20.04
N PRO A 328 7.93 50.57 19.37
CA PRO A 328 6.66 51.08 18.85
C PRO A 328 5.77 51.55 19.97
N THR A 329 4.99 52.60 19.74
CA THR A 329 4.06 53.06 20.74
C THR A 329 2.65 52.72 20.31
N ASP A 330 1.66 53.36 20.96
CA ASP A 330 0.27 53.11 20.66
C ASP A 330 -0.03 53.48 19.21
N THR A 331 0.80 54.38 18.69
CA THR A 331 0.61 54.96 17.38
C THR A 331 1.83 54.74 16.50
N ARG A 332 2.83 55.56 16.75
CA ARG A 332 4.07 55.58 15.99
C ARG A 332 4.83 54.26 16.04
N ASP A 333 5.45 53.89 14.92
CA ASP A 333 6.30 52.70 14.86
C ASP A 333 7.62 52.90 15.61
N GLY A 334 8.18 51.81 16.12
CA GLY A 334 9.49 51.85 16.72
C GLY A 334 10.53 51.36 15.73
N THR A 335 11.78 51.73 15.95
CA THR A 335 12.85 51.33 15.05
C THR A 335 13.59 50.08 15.52
N GLY A 336 13.73 49.93 16.83
CA GLY A 336 14.41 48.80 17.40
C GLY A 336 15.90 49.04 17.54
N VAL A 337 16.40 50.02 16.80
CA VAL A 337 17.80 50.41 16.89
C VAL A 337 18.07 51.05 18.23
N LYS A 338 19.23 50.74 18.80
CA LYS A 338 19.63 51.26 20.10
C LYS A 338 20.91 52.07 19.97
N ALA A 339 20.82 53.36 20.21
CA ALA A 339 21.99 54.21 20.20
C ALA A 339 22.77 54.06 21.50
N VAL A 340 24.08 54.21 21.43
CA VAL A 340 24.91 54.19 22.64
C VAL A 340 25.98 55.25 22.50
N LYS A 341 26.35 55.89 23.61
CA LYS A 341 27.43 56.87 23.55
C LYS A 341 28.72 56.22 23.09
N LYS A 342 29.40 56.87 22.17
CA LYS A 342 30.68 56.40 21.68
C LYS A 342 31.71 56.61 22.79
N ALA A 343 32.66 55.70 22.91
CA ALA A 343 33.60 55.73 24.02
C ALA A 343 34.51 56.96 23.98
N ASP A 344 34.80 57.44 22.78
CA ASP A 344 35.66 58.60 22.61
C ASP A 344 35.01 59.84 23.20
N GLY A 345 33.69 59.85 23.22
CA GLY A 345 32.93 61.06 23.51
C GLY A 345 32.78 61.85 22.23
N SER A 346 33.25 61.25 21.13
CA SER A 346 33.19 61.90 19.84
C SER A 346 31.79 61.90 19.21
N GLY A 347 31.11 60.76 19.27
CA GLY A 347 29.84 60.63 18.58
C GLY A 347 28.95 59.52 19.09
N ILE A 348 28.33 58.78 18.17
CA ILE A 348 27.35 57.76 18.50
C ILE A 348 27.73 56.39 17.96
N GLU A 349 27.50 55.36 18.76
CA GLU A 349 27.62 53.99 18.32
C GLU A 349 26.24 53.37 18.19
N PHE A 350 25.76 53.21 16.96
CA PHE A 350 24.48 52.58 16.72
C PHE A 350 24.59 51.07 16.76
N VAL A 351 23.67 50.43 17.47
CA VAL A 351 23.70 48.98 17.54
C VAL A 351 22.30 48.40 17.61
N ASN A 352 22.07 47.32 16.89
CA ASN A 352 20.77 46.70 16.85
C ASN A 352 20.85 45.19 17.03
N ASN A 353 20.12 44.69 18.00
CA ASN A 353 20.06 43.27 18.30
C ASN A 353 19.13 42.53 17.37
N ASN A 354 18.41 43.31 16.55
CA ASN A 354 17.34 42.86 15.64
C ASN A 354 16.72 41.52 16.01
N ALA A 355 16.33 41.40 17.26
CA ALA A 355 15.63 40.22 17.75
C ALA A 355 14.22 40.58 18.11
N ASP A 356 13.87 41.84 17.88
CA ASP A 356 12.59 42.37 18.29
C ASP A 356 11.66 42.58 17.11
N GLY A 357 10.36 42.62 17.37
CA GLY A 357 9.40 42.96 16.35
C GLY A 357 9.27 41.84 15.32
N THR A 358 8.72 42.19 14.16
CA THR A 358 8.48 41.19 13.14
C THR A 358 8.24 41.78 11.75
N THR A 359 8.61 43.03 11.57
CA THR A 359 8.44 43.70 10.28
C THR A 359 9.77 44.22 9.75
N ASP A 360 9.75 44.82 8.57
CA ASP A 360 10.99 45.31 7.96
C ASP A 360 11.67 46.41 8.78
N ASN A 361 10.87 47.26 9.41
CA ASN A 361 11.42 48.39 10.12
C ASN A 361 12.20 48.01 11.37
N MET A 362 11.82 46.91 11.99
CA MET A 362 12.45 46.49 13.23
C MET A 362 13.80 45.82 13.00
N LYS A 363 14.06 45.44 11.76
CA LYS A 363 15.26 44.69 11.46
C LYS A 363 16.33 45.49 10.73
N ASN A 364 17.58 45.15 11.02
CA ASN A 364 18.75 45.76 10.40
C ASN A 364 18.84 47.25 10.65
N ILE A 365 19.96 47.87 10.26
CA ILE A 365 20.12 49.30 10.42
C ILE A 365 20.03 50.03 9.09
N ASP A 366 19.27 51.12 9.07
CA ASP A 366 19.25 52.01 7.92
C ASP A 366 19.15 53.43 8.43
N LEU A 367 19.81 54.37 7.77
CA LEU A 367 19.90 55.70 8.33
C LEU A 367 20.28 56.79 7.32
N THR A 368 19.29 57.56 6.89
CA THR A 368 19.53 58.80 6.18
C THR A 368 20.00 59.84 7.19
N VAL A 369 20.73 60.84 6.74
CA VAL A 369 21.10 61.93 7.63
C VAL A 369 20.65 63.26 7.04
N ASN A 370 19.43 63.63 7.37
CA ASN A 370 18.73 64.74 6.71
C ASN A 370 19.40 66.08 6.91
N VAL A 371 19.23 66.97 5.93
CA VAL A 371 19.81 68.30 5.99
C VAL A 371 19.34 69.00 7.26
N GLY A 372 20.27 69.64 7.94
CA GLY A 372 20.04 70.12 9.28
C GLY A 372 21.29 69.73 10.03
N ASN A 373 21.15 68.83 11.00
CA ASN A 373 22.31 68.26 11.67
C ASN A 373 23.29 69.29 12.18
N SER A 374 22.81 70.24 12.96
CA SER A 374 23.73 71.10 13.69
C SER A 374 24.47 70.21 14.69
N ALA A 375 23.89 69.05 14.96
CA ALA A 375 24.53 68.01 15.74
C ALA A 375 25.48 67.22 14.86
N GLY A 376 25.69 67.73 13.65
CA GLY A 376 26.61 67.12 12.70
C GLY A 376 28.02 67.52 13.04
N GLU A 377 28.14 68.29 14.11
CA GLU A 377 29.39 68.55 14.83
C GLU A 377 30.58 68.91 13.95
N ARG A 378 30.47 70.03 13.26
CA ARG A 378 31.60 70.60 12.53
C ARG A 378 31.39 72.09 12.33
N ASN A 379 31.71 72.87 13.37
CA ASN A 379 31.56 74.32 13.29
C ASN A 379 32.54 75.04 14.19
N THR A 380 33.18 76.07 13.66
CA THR A 380 33.99 76.96 14.48
C THR A 380 33.07 77.76 15.37
N ILE A 381 33.46 77.89 16.64
CA ILE A 381 32.72 78.72 17.59
C ILE A 381 33.71 79.37 18.53
N ASN A 382 33.28 80.43 19.21
CA ASN A 382 34.24 81.24 19.94
C ASN A 382 33.87 81.61 21.37
N TYR A 383 34.90 81.76 22.19
CA TYR A 383 34.78 82.06 23.62
C TYR A 383 34.95 83.53 23.94
N ASN A 384 34.29 83.97 25.01
CA ASN A 384 34.37 85.29 25.66
C ASN A 384 34.43 86.44 24.60
N ALA A 385 34.83 87.69 24.87
CA ALA A 385 35.36 88.29 26.10
C ALA A 385 34.37 88.32 27.25
N ASN A 386 34.94 88.36 28.46
CA ASN A 386 34.20 88.50 29.71
C ASN A 386 33.37 87.26 30.00
N THR A 387 32.17 87.47 30.54
CA THR A 387 31.32 86.37 30.96
C THR A 387 30.95 85.49 29.76
N GLY A 388 30.97 84.18 29.99
CA GLY A 388 30.75 83.22 28.93
C GLY A 388 31.70 83.57 27.80
N VAL A 389 31.23 83.60 26.56
CA VAL A 389 29.95 83.03 26.13
C VAL A 389 30.25 82.36 24.81
N PHE A 390 30.16 81.04 24.76
CA PHE A 390 30.40 80.36 23.50
C PHE A 390 29.36 80.76 22.47
N SER A 391 29.83 81.09 21.27
CA SER A 391 28.95 81.57 20.23
C SER A 391 29.29 81.00 18.85
N PRO A 392 28.28 80.83 17.98
CA PRO A 392 28.56 80.43 16.60
C PRO A 392 29.37 81.50 15.89
N GLN A 393 30.27 81.10 15.02
CA GLN A 393 31.11 82.06 14.33
C GLN A 393 30.37 82.63 13.12
N GLY A 394 29.62 83.69 13.35
CA GLY A 394 28.77 84.23 12.32
C GLY A 394 27.56 83.34 12.18
N GLY A 395 26.41 83.84 12.61
CA GLY A 395 25.21 83.03 12.61
C GLY A 395 24.83 82.51 11.23
N ASN A 396 24.54 81.21 11.15
CA ASN A 396 24.57 80.34 12.31
C ASN A 396 25.62 79.24 12.16
N LEU A 397 25.36 78.09 12.76
CA LEU A 397 26.16 76.90 12.53
C LEU A 397 25.83 76.34 11.16
N THR A 398 26.79 75.68 10.53
CA THR A 398 26.56 75.06 9.23
C THR A 398 25.63 73.85 9.37
N THR A 399 24.91 73.53 8.29
CA THR A 399 24.02 72.37 8.32
C THR A 399 24.68 71.12 7.77
N ALA A 400 23.90 70.06 7.64
CA ALA A 400 24.41 68.78 7.16
C ALA A 400 24.93 68.85 5.74
N GLN A 401 24.28 69.67 4.92
CA GLN A 401 24.58 69.76 3.50
C GLN A 401 24.55 68.39 2.84
N ASN A 402 25.50 68.18 1.92
CA ASN A 402 25.65 66.90 1.25
C ASN A 402 26.54 65.94 2.03
N ASP A 403 27.12 66.43 3.12
CA ASP A 403 27.71 65.57 4.13
C ASP A 403 26.56 64.92 4.90
N THR A 404 26.68 63.72 5.48
CA THR A 404 27.85 62.94 5.91
C THR A 404 28.73 63.78 6.81
N ASP A 405 28.10 64.50 7.73
CA ASP A 405 28.84 65.33 8.67
C ASP A 405 29.79 64.44 9.45
N TRP A 406 29.33 63.22 9.71
CA TRP A 406 30.14 62.25 10.42
C TRP A 406 30.23 60.94 9.66
N ILE A 407 29.32 60.71 8.73
CA ILE A 407 29.41 59.55 7.87
C ILE A 407 30.69 59.67 7.05
N ALA A 408 31.41 58.57 6.89
CA ALA A 408 32.70 58.61 6.23
C ALA A 408 32.54 58.60 4.72
N GLY A 409 32.27 59.77 4.16
CA GLY A 409 32.09 59.90 2.73
C GLY A 409 31.53 61.26 2.35
N ALA A 410 31.19 61.41 1.08
CA ALA A 410 30.52 62.62 0.60
C ALA A 410 29.74 62.27 -0.66
N ALA A 411 28.60 62.92 -0.86
CA ALA A 411 27.77 62.63 -2.03
C ALA A 411 26.83 63.77 -2.36
N GLN A 412 27.27 64.68 -3.23
CA GLN A 412 26.50 65.88 -3.51
C GLN A 412 25.18 65.62 -4.21
N ALA A 413 25.12 64.54 -4.98
CA ALA A 413 23.92 64.24 -5.75
C ALA A 413 22.73 63.98 -4.85
N GLY A 414 21.61 64.60 -5.18
CA GLY A 414 20.34 64.32 -4.53
C GLY A 414 20.28 64.52 -3.03
N GLN A 415 19.57 63.62 -2.37
CA GLN A 415 19.29 63.68 -0.94
C GLN A 415 20.57 63.38 -0.17
N PRO A 416 20.63 63.80 1.10
CA PRO A 416 21.83 63.55 1.88
C PRO A 416 22.13 62.06 2.02
N GLN A 417 23.43 61.74 2.03
CA GLN A 417 23.90 60.37 1.96
C GLN A 417 23.53 59.50 3.15
N ASN A 418 23.22 58.24 2.90
CA ASN A 418 22.83 57.32 3.95
C ASN A 418 23.58 56.00 3.94
N VAL A 419 24.20 55.67 5.07
CA VAL A 419 24.81 54.37 5.24
C VAL A 419 23.72 53.34 5.45
N LYS A 420 23.96 52.10 5.04
CA LYS A 420 23.01 51.03 5.30
C LYS A 420 23.78 49.73 5.46
N VAL A 421 23.35 48.89 6.39
CA VAL A 421 24.12 47.70 6.73
C VAL A 421 23.25 46.49 7.08
N VAL A 422 23.29 45.50 6.20
CA VAL A 422 22.43 44.33 6.29
C VAL A 422 23.09 43.20 7.06
N THR A 423 22.34 42.57 7.96
CA THR A 423 22.83 41.40 8.65
C THR A 423 21.75 40.34 8.79
N ALA A 424 20.50 40.73 8.62
CA ALA A 424 19.39 39.79 8.78
C ALA A 424 18.50 39.72 7.54
N HIS A 425 18.44 38.55 6.94
CA HIS A 425 17.62 38.34 5.76
C HIS A 425 16.30 37.68 6.13
N LYS A 426 15.34 37.67 5.21
CA LYS A 426 14.07 37.01 5.44
C LYS A 426 13.82 35.93 4.40
N TYR A 427 12.95 34.97 4.75
CA TYR A 427 12.72 33.78 3.93
C TYR A 427 11.23 33.52 3.87
N ILE A 428 10.72 33.09 2.71
CA ILE A 428 9.27 32.86 2.60
C ILE A 428 8.89 31.66 1.75
N TYR A 429 7.98 30.85 2.29
CA TYR A 429 7.44 29.67 1.63
C TYR A 429 6.44 30.00 0.52
N SER A 430 6.30 29.09 -0.44
CA SER A 430 5.24 29.19 -1.46
C SER A 430 4.94 27.82 -2.03
N SER A 431 3.66 27.54 -2.28
CA SER A 431 3.24 26.22 -2.71
C SER A 431 3.77 25.85 -4.09
N ASN A 432 3.94 26.84 -4.94
CA ASN A 432 4.41 26.62 -6.30
C ASN A 432 5.86 26.19 -6.32
N PRO A 433 6.25 25.42 -7.35
CA PRO A 433 7.65 25.02 -7.46
C PRO A 433 8.55 26.22 -7.65
N VAL A 434 9.74 26.18 -7.08
CA VAL A 434 10.65 27.33 -7.14
C VAL A 434 12.08 26.88 -7.38
N THR A 435 12.58 27.12 -8.58
CA THR A 435 13.98 26.85 -8.89
C THR A 435 14.87 27.91 -8.27
N ILE A 436 16.12 27.55 -7.99
CA ILE A 436 17.07 28.45 -7.34
C ILE A 436 18.32 28.62 -8.18
N PRO A 437 18.78 29.87 -8.32
CA PRO A 437 20.01 30.17 -9.06
C PRO A 437 21.23 29.48 -8.47
N PRO A 438 21.76 28.48 -9.21
CA PRO A 438 22.91 27.67 -8.82
C PRO A 438 24.19 28.48 -8.72
N MET A 439 25.08 28.11 -7.81
CA MET A 439 26.43 28.67 -7.83
C MET A 439 27.47 27.68 -7.34
N ILE A 440 28.72 28.02 -7.61
CA ILE A 440 29.86 27.16 -7.27
C ILE A 440 30.00 26.97 -5.77
N ASN A 441 30.43 25.78 -5.36
CA ASN A 441 30.73 25.50 -3.97
C ASN A 441 32.17 25.02 -3.92
N PRO A 442 32.88 25.34 -2.83
CA PRO A 442 34.29 24.89 -2.78
C PRO A 442 34.42 23.45 -2.35
N ASP A 443 33.46 22.61 -2.72
CA ASP A 443 33.46 21.20 -2.35
C ASP A 443 33.21 20.33 -3.57
N GLY A 444 31.94 19.97 -3.77
CA GLY A 444 31.55 19.23 -4.94
C GLY A 444 31.15 20.18 -6.06
N GLY A 445 30.56 19.60 -7.11
CA GLY A 445 30.06 20.39 -8.24
C GLY A 445 31.07 21.21 -9.01
N PRO A 446 32.32 20.72 -9.14
CA PRO A 446 33.37 21.58 -9.69
C PRO A 446 33.10 21.95 -11.15
N ALA A 447 33.56 23.11 -11.61
CA ALA A 447 34.37 24.04 -10.84
C ALA A 447 34.17 25.45 -11.36
N PHE A 448 35.18 26.30 -11.16
CA PHE A 448 35.09 27.69 -11.55
C PHE A 448 36.16 28.05 -12.56
N GLN A 449 35.81 28.07 -13.84
CA GLN A 449 36.73 28.57 -14.85
C GLN A 449 36.69 30.09 -14.88
N PRO A 450 37.87 30.71 -14.74
CA PRO A 450 38.07 32.14 -14.49
C PRO A 450 37.50 33.11 -15.52
N ASN A 451 37.53 32.74 -16.79
CA ASN A 451 37.35 33.71 -17.89
C ASN A 451 38.24 34.92 -17.65
N ASN A 452 39.46 34.85 -18.17
CA ASN A 452 40.49 35.86 -17.99
C ASN A 452 39.98 37.29 -17.81
N GLY A 453 39.99 37.74 -16.56
CA GLY A 453 39.50 39.07 -16.23
C GLY A 453 37.99 39.15 -16.20
N ASN A 454 37.37 39.03 -17.37
CA ASN A 454 35.93 39.23 -17.49
C ASN A 454 35.09 38.21 -16.74
N ARG A 455 34.07 38.71 -16.07
CA ARG A 455 33.20 37.89 -15.21
C ARG A 455 32.40 36.73 -15.80
N PRO A 456 31.74 36.94 -16.96
CA PRO A 456 30.45 36.25 -17.17
C PRO A 456 30.46 34.73 -17.09
N THR A 457 31.51 34.06 -17.56
CA THR A 457 31.65 32.61 -17.40
C THR A 457 30.37 31.78 -17.60
N ASP A 458 30.32 30.61 -16.96
CA ASP A 458 29.11 29.81 -16.84
C ASP A 458 28.20 30.33 -15.72
N PRO A 459 26.88 30.14 -15.86
CA PRO A 459 25.95 30.74 -14.90
C PRO A 459 26.16 30.29 -13.46
N ALA A 460 26.56 29.03 -13.26
CA ALA A 460 26.82 28.55 -11.92
C ALA A 460 28.06 29.24 -11.38
N SER A 461 28.94 29.63 -12.29
CA SER A 461 30.13 30.37 -11.91
C SER A 461 29.88 31.87 -12.00
N ALA A 462 28.92 32.27 -12.82
CA ALA A 462 28.56 33.68 -12.94
C ALA A 462 27.94 34.18 -11.65
N ASN A 463 27.02 33.40 -11.10
CA ASN A 463 26.42 33.74 -9.83
C ASN A 463 27.44 33.77 -8.72
N TYR A 464 28.42 32.88 -8.81
CA TYR A 464 29.51 32.83 -7.85
C TYR A 464 30.38 34.07 -7.97
N TRP A 465 30.45 34.64 -9.16
CA TRP A 465 31.27 35.83 -9.36
C TRP A 465 30.61 37.01 -8.65
N ASP A 466 29.33 37.21 -8.92
CA ASP A 466 28.58 38.32 -8.34
C ASP A 466 28.46 38.16 -6.84
N ALA A 467 28.47 36.92 -6.39
CA ALA A 467 28.28 36.63 -4.98
C ALA A 467 29.40 37.20 -4.13
N ILE A 468 30.57 37.32 -4.72
CA ILE A 468 31.73 37.74 -3.97
C ILE A 468 31.79 39.27 -3.93
N GLN A 469 30.88 39.92 -4.66
CA GLN A 469 30.54 41.29 -4.33
C GLN A 469 29.42 41.27 -3.28
N GLY A 470 28.58 42.28 -3.30
CA GLY A 470 27.51 42.38 -2.30
C GLY A 470 26.16 41.92 -2.80
N SER A 471 26.14 41.14 -3.87
CA SER A 471 24.90 40.81 -4.54
C SER A 471 23.92 40.06 -3.65
N LEU A 472 24.43 39.27 -2.73
CA LEU A 472 23.55 38.58 -1.79
C LEU A 472 23.27 39.38 -0.53
N LYS A 473 23.90 40.54 -0.40
CA LYS A 473 23.68 41.40 0.73
C LYS A 473 22.38 42.18 0.58
N ASN A 474 21.76 42.03 -0.59
CA ASN A 474 20.52 42.73 -0.88
C ASN A 474 19.42 42.37 0.10
N THR A 475 18.52 43.30 0.32
CA THR A 475 17.44 43.10 1.26
C THR A 475 16.23 42.42 0.60
N THR A 476 16.46 41.87 -0.59
CA THR A 476 15.41 41.18 -1.31
C THR A 476 14.93 39.96 -0.54
N GLU A 477 13.63 39.69 -0.64
CA GLU A 477 13.04 38.51 -0.04
C GLU A 477 13.51 37.24 -0.74
N ARG A 478 13.63 36.14 0.02
CA ARG A 478 14.12 34.87 -0.53
C ARG A 478 13.14 33.72 -0.36
N THR A 479 12.53 33.29 -1.46
CA THR A 479 11.53 32.23 -1.47
C THR A 479 12.09 30.82 -1.37
N PHE A 480 11.29 29.89 -0.88
CA PHE A 480 11.68 28.50 -0.84
C PHE A 480 10.47 27.57 -0.82
N ARG A 481 10.70 26.31 -1.12
CA ARG A 481 9.64 25.31 -1.01
C ARG A 481 10.13 24.00 -0.40
N THR A 482 10.87 23.22 -1.19
CA THR A 482 11.45 21.99 -0.68
C THR A 482 12.50 22.35 0.35
N THR A 483 12.73 21.47 1.31
CA THR A 483 13.61 21.79 2.42
C THR A 483 15.05 22.02 1.97
N GLU A 484 15.47 21.32 0.93
CA GLU A 484 16.84 21.43 0.47
C GLU A 484 17.08 22.85 -0.04
N ASP A 485 16.02 23.46 -0.55
CA ASP A 485 16.07 24.86 -0.95
C ASP A 485 16.46 25.66 0.26
N LEU A 486 15.83 25.35 1.38
CA LEU A 486 16.00 26.13 2.58
C LEU A 486 17.40 25.99 3.13
N ARG A 487 17.91 24.77 3.20
CA ARG A 487 19.26 24.62 3.73
C ARG A 487 20.28 25.30 2.82
N GLU A 488 20.13 25.11 1.50
CA GLU A 488 21.13 25.67 0.61
C GLU A 488 21.13 27.17 0.69
N LEU A 489 19.94 27.71 0.87
CA LEU A 489 19.77 29.14 0.84
C LEU A 489 20.31 29.74 2.13
N LEU A 490 20.06 29.06 3.25
CA LEU A 490 20.63 29.49 4.52
C LEU A 490 22.14 29.46 4.46
N GLN A 491 22.70 28.48 3.76
CA GLN A 491 24.14 28.39 3.63
C GLN A 491 24.67 29.55 2.79
N ARG A 492 23.93 29.88 1.74
CA ARG A 492 24.30 30.99 0.87
C ARG A 492 24.45 32.26 1.68
N ASP A 493 23.36 32.60 2.36
CA ASP A 493 23.32 33.83 3.10
C ASP A 493 24.30 33.85 4.25
N ALA A 494 24.49 32.69 4.87
CA ALA A 494 25.40 32.61 5.99
C ALA A 494 26.81 32.91 5.54
N ARG A 495 27.13 32.49 4.33
CA ARG A 495 28.48 32.68 3.83
C ARG A 495 28.73 34.06 3.25
N TYR A 496 27.79 34.56 2.46
CA TYR A 496 28.07 35.76 1.68
C TYR A 496 27.15 36.93 2.01
N GLY A 497 26.23 36.72 2.94
CA GLY A 497 25.14 37.65 3.15
C GLY A 497 25.16 38.58 4.34
N VAL A 498 26.29 38.75 5.01
CA VAL A 498 26.31 39.57 6.22
C VAL A 498 27.51 40.51 6.29
N ASP A 499 27.28 41.73 6.78
CA ASP A 499 28.36 42.68 7.06
C ASP A 499 28.91 42.50 8.47
N TYR A 500 29.81 41.55 8.66
CA TYR A 500 30.39 41.31 9.98
C TYR A 500 31.23 42.48 10.49
N ASN A 501 31.86 43.20 9.57
CA ASN A 501 32.76 44.29 9.94
C ASN A 501 32.05 45.46 10.59
N GLY A 502 30.77 45.61 10.30
CA GLY A 502 30.06 46.83 10.67
C GLY A 502 30.43 47.96 9.71
N SER A 503 30.68 47.61 8.46
CA SER A 503 31.05 48.59 7.45
C SER A 503 29.85 49.32 6.87
N GLY A 504 29.14 48.67 5.95
CA GLY A 504 27.93 49.23 5.40
C GLY A 504 27.95 49.50 3.91
N ILE A 505 26.77 49.51 3.30
CA ILE A 505 26.62 49.73 1.87
C ILE A 505 27.00 51.14 1.43
N ILE A 506 26.75 52.12 2.30
CA ILE A 506 26.81 53.58 2.05
C ILE A 506 26.15 54.01 0.72
N ASP A 507 25.26 54.98 0.84
CA ASP A 507 24.35 55.45 -0.20
C ASP A 507 24.13 54.52 -1.41
N ASN A 508 24.83 54.78 -2.50
CA ASN A 508 24.61 54.07 -3.75
C ASN A 508 24.98 52.60 -3.67
N ALA A 509 24.31 51.78 -4.44
CA ALA A 509 24.58 50.35 -4.48
C ALA A 509 25.74 50.05 -5.42
N THR A 510 26.95 50.04 -4.88
CA THR A 510 28.15 49.80 -5.66
C THR A 510 29.00 48.72 -5.01
N PRO A 511 28.59 47.45 -5.16
CA PRO A 511 29.20 46.30 -4.49
C PRO A 511 30.65 46.07 -4.87
N THR A 512 31.45 45.61 -3.91
CA THR A 512 32.87 45.35 -4.09
C THR A 512 33.31 44.18 -3.22
N PHE A 513 34.51 43.67 -3.48
CA PHE A 513 35.08 42.62 -2.64
C PHE A 513 35.40 43.14 -1.25
N ASP A 514 35.23 42.28 -0.25
CA ASP A 514 35.45 42.70 1.14
C ASP A 514 36.33 41.75 1.93
N ALA A 515 36.93 42.29 2.99
CA ALA A 515 37.74 41.50 3.91
C ALA A 515 37.36 41.81 5.36
N ASN A 516 36.24 41.25 5.81
CA ASN A 516 35.45 40.33 5.01
C ASN A 516 33.96 40.38 5.29
N ASP A 517 33.19 39.98 4.29
CA ASP A 517 31.83 39.53 4.50
C ASP A 517 31.90 38.01 4.44
N ILE A 518 32.95 37.52 3.80
CA ILE A 518 33.11 36.11 3.52
C ILE A 518 33.35 35.28 4.78
N ASN A 519 32.71 34.12 4.82
CA ASN A 519 32.93 33.16 5.90
C ASN A 519 32.70 31.76 5.34
N GLN A 520 33.61 31.34 4.48
CA GLN A 520 33.37 30.22 3.57
C GLN A 520 33.18 28.87 4.26
N ALA A 521 33.76 28.71 5.44
CA ALA A 521 33.85 27.39 6.07
C ALA A 521 32.52 26.93 6.67
N VAL A 522 31.55 27.83 6.72
CA VAL A 522 30.25 27.53 7.29
C VAL A 522 29.58 26.37 6.55
N LYS A 523 28.88 25.49 7.27
CA LYS A 523 28.13 24.42 6.61
C LYS A 523 26.77 24.19 7.23
N VAL A 524 25.80 23.84 6.38
CA VAL A 524 24.44 23.51 6.82
C VAL A 524 24.03 22.14 6.29
N VAL A 525 23.62 21.25 7.19
CA VAL A 525 23.46 19.84 6.87
C VAL A 525 22.12 19.36 7.45
N VAL A 526 21.60 18.25 6.96
CA VAL A 526 20.44 17.63 7.59
C VAL A 526 20.79 16.23 8.07
N THR A 527 20.86 16.04 9.39
CA THR A 527 21.14 14.74 9.97
C THR A 527 19.95 13.80 9.85
N GLU A 528 20.21 12.50 9.85
CA GLU A 528 19.17 11.50 9.64
C GLU A 528 18.15 11.52 10.76
N ASN A 529 18.53 12.08 11.90
CA ASN A 529 17.58 12.30 12.99
C ASN A 529 16.49 13.27 12.55
N GLY A 530 16.80 14.06 11.53
CA GLY A 530 15.87 15.03 11.02
C GLY A 530 16.23 16.42 11.45
N ASN A 531 17.12 16.53 12.42
CA ASN A 531 17.58 17.84 12.86
C ASN A 531 18.42 18.52 11.79
N PHE A 532 18.22 19.82 11.60
CA PHE A 532 19.17 20.62 10.85
C PHE A 532 20.43 20.78 11.67
N ALA A 533 21.55 21.03 11.00
CA ALA A 533 22.80 21.28 11.70
C ALA A 533 23.58 22.38 11.04
N ILE A 534 24.18 23.24 11.84
CA ILE A 534 25.05 24.29 11.34
C ILE A 534 26.41 24.22 12.01
N SER A 535 27.47 24.23 11.22
CA SER A 535 28.81 24.11 11.76
C SER A 535 29.72 25.21 11.25
N ASN A 536 30.67 25.57 12.09
CA ASN A 536 31.61 26.65 11.81
C ASN A 536 33.04 26.20 12.04
N ALA A 537 33.63 25.56 11.02
CA ALA A 537 34.98 25.02 11.14
C ALA A 537 36.01 26.13 11.28
N ASN A 538 37.09 25.83 12.00
CA ASN A 538 38.15 26.79 12.23
C ASN A 538 38.98 26.94 10.96
N GLU A 539 38.80 26.00 10.04
CA GLU A 539 39.60 25.92 8.84
C GLU A 539 39.43 27.14 7.95
N THR A 540 40.51 27.53 7.27
CA THR A 540 40.45 28.61 6.31
C THR A 540 40.06 28.08 4.94
N SER A 541 39.72 28.99 4.03
CA SER A 541 39.36 28.62 2.67
C SER A 541 40.17 29.41 1.66
N THR A 542 39.85 29.22 0.38
CA THR A 542 40.55 29.94 -0.69
C THR A 542 39.58 30.39 -1.76
N ILE A 543 39.91 31.48 -2.42
CA ILE A 543 39.10 31.99 -3.52
C ILE A 543 39.87 31.93 -4.83
N PRO A 544 39.44 31.05 -5.73
CA PRO A 544 40.16 30.86 -7.00
C PRO A 544 40.17 32.12 -7.85
N ALA A 545 41.26 32.35 -8.57
CA ALA A 545 41.28 33.37 -9.61
C ALA A 545 40.47 32.89 -10.81
N ASN A 546 39.77 33.79 -11.49
CA ASN A 546 39.70 35.20 -11.16
C ASN A 546 38.35 35.58 -10.57
N ALA A 547 37.86 34.81 -9.61
CA ALA A 547 36.63 35.18 -8.92
C ALA A 547 36.85 36.49 -8.20
N GLY A 548 35.87 37.38 -8.24
CA GLY A 548 36.10 38.74 -7.84
C GLY A 548 37.11 39.34 -8.81
N ALA A 549 38.19 40.00 -8.38
CA ALA A 549 38.57 40.35 -7.00
C ALA A 549 38.76 39.18 -6.04
N GLY A 550 40.02 38.77 -5.85
CA GLY A 550 41.15 39.40 -6.53
C GLY A 550 41.51 38.75 -7.85
N ALA A 551 42.52 39.31 -8.50
CA ALA A 551 43.06 38.73 -9.72
C ALA A 551 43.74 37.39 -9.46
N GLY A 552 44.26 37.23 -8.25
CA GLY A 552 44.92 35.99 -7.85
C GLY A 552 44.16 35.25 -6.79
N ALA A 553 44.78 34.20 -6.24
CA ALA A 553 44.18 33.44 -5.15
C ALA A 553 44.17 34.25 -3.88
N ALA A 554 43.20 33.96 -3.00
CA ALA A 554 43.10 34.66 -1.72
C ALA A 554 42.53 33.73 -0.66
N THR A 555 42.88 33.97 0.60
CA THR A 555 42.44 33.10 1.68
C THR A 555 41.68 33.86 2.76
N THR A 556 40.66 33.22 3.32
CA THR A 556 39.82 33.86 4.32
C THR A 556 39.86 33.17 5.67
N ASN A 557 39.99 33.98 6.72
CA ASN A 557 39.83 33.51 8.09
C ASN A 557 38.37 33.45 8.49
N PRO A 558 37.93 32.33 9.06
CA PRO A 558 36.56 32.16 9.53
C PRO A 558 36.23 33.13 10.65
N LYS A 559 34.99 33.59 10.74
CA LYS A 559 34.61 34.56 11.74
C LYS A 559 33.38 34.12 12.53
N ASN A 560 33.32 34.54 13.79
CA ASN A 560 32.26 34.14 14.71
C ASN A 560 30.89 34.62 14.31
N MET A 561 29.86 33.89 14.72
CA MET A 561 28.48 34.21 14.36
C MET A 561 27.58 34.18 15.59
N SER A 562 26.45 34.87 15.51
CA SER A 562 25.50 34.91 16.61
C SER A 562 24.07 34.88 16.08
N PHE A 563 23.52 33.68 15.92
CA PHE A 563 22.20 33.53 15.33
C PHE A 563 21.14 34.12 16.22
N ASN A 564 20.06 34.57 15.61
CA ASN A 564 18.91 35.03 16.36
C ASN A 564 17.70 35.05 15.43
N ILE A 565 16.54 34.66 15.93
CA ILE A 565 15.41 34.30 15.06
C ILE A 565 14.06 34.72 15.60
N THR A 566 13.20 35.23 14.72
CA THR A 566 11.86 35.66 15.11
C THR A 566 10.79 35.07 14.20
N ALA A 567 9.96 35.92 13.61
CA ALA A 567 8.91 35.48 12.70
C ALA A 567 8.54 36.57 11.72
N TYR A 568 8.18 36.19 10.50
CA TYR A 568 7.82 37.18 9.49
C TYR A 568 6.42 37.74 9.68
N SER A 569 6.25 39.01 9.32
CA SER A 569 4.95 39.66 9.29
C SER A 569 5.03 40.99 8.54
N ASN A 570 4.25 41.13 7.48
CA ASN A 570 4.25 42.36 6.70
C ASN A 570 3.48 43.49 7.38
N LYS A 571 3.87 44.73 7.07
CA LYS A 571 3.13 45.89 7.56
C LYS A 571 1.77 45.99 6.90
N GLN A 572 0.77 46.33 7.69
CA GLN A 572 -0.60 46.49 7.19
C GLN A 572 -1.06 45.29 6.39
N GLY A 573 -0.58 44.11 6.77
CA GLY A 573 -0.87 42.92 6.00
C GLY A 573 -1.73 41.93 6.75
N THR A 574 -2.06 40.83 6.09
CA THR A 574 -2.96 39.85 6.67
C THR A 574 -2.29 38.51 6.95
N VAL A 575 -0.99 38.41 6.66
CA VAL A 575 -0.30 37.15 6.92
C VAL A 575 -0.26 36.90 8.42
N SER A 576 -0.57 35.66 8.80
CA SER A 576 -0.58 35.29 10.20
C SER A 576 0.72 34.64 10.60
N THR A 577 1.19 34.96 11.80
CA THR A 577 2.42 34.38 12.32
C THR A 577 2.21 32.88 12.49
N ASN A 578 3.23 32.09 12.18
CA ASN A 578 3.16 30.65 12.35
C ASN A 578 4.16 30.17 13.37
N ASP A 579 3.75 30.19 14.63
CA ASP A 579 4.67 29.98 15.75
C ASP A 579 5.34 28.62 15.84
N ALA A 580 4.65 27.57 15.43
CA ALA A 580 5.15 26.21 15.61
C ALA A 580 6.39 25.96 14.77
N PHE A 581 6.49 26.65 13.65
CA PHE A 581 7.62 26.52 12.72
C PHE A 581 8.78 27.39 13.21
N THR A 582 8.42 28.57 13.69
CA THR A 582 9.41 29.50 14.18
C THR A 582 10.11 28.95 15.39
N LYS A 583 9.49 27.97 16.03
CA LYS A 583 10.09 27.35 17.22
C LYS A 583 11.18 26.36 16.84
N ILE A 584 10.85 25.49 15.89
CA ILE A 584 11.80 24.47 15.47
C ILE A 584 13.00 25.19 14.93
N PHE A 585 12.81 26.38 14.36
CA PHE A 585 13.99 27.18 14.08
C PHE A 585 14.44 28.05 15.24
N LYS A 586 13.63 28.13 16.30
CA LYS A 586 13.91 29.06 17.39
C LYS A 586 15.03 28.46 18.20
N ALA A 587 15.29 27.18 17.93
CA ALA A 587 16.35 26.49 18.67
C ALA A 587 17.76 27.09 18.50
N PHE A 588 18.00 27.87 17.44
CA PHE A 588 19.35 28.35 17.13
C PHE A 588 19.80 29.66 17.79
N ASP A 589 19.00 30.21 18.69
CA ASP A 589 19.15 31.61 19.10
C ASP A 589 20.47 32.01 19.78
N GLY A 590 21.22 31.05 20.31
CA GLY A 590 22.43 31.40 21.03
C GLY A 590 23.59 31.77 20.12
N PRO A 591 24.70 32.27 20.70
CA PRO A 591 25.98 32.51 20.02
C PRO A 591 26.67 31.25 19.52
N LEU A 592 27.39 31.36 18.41
CA LEU A 592 28.20 30.25 17.91
C LEU A 592 29.64 30.67 17.72
N VAL A 593 30.46 30.38 18.72
CA VAL A 593 31.90 30.63 18.66
C VAL A 593 32.52 29.61 17.71
N ILE A 594 33.65 29.95 17.09
CA ILE A 594 34.38 28.99 16.27
C ILE A 594 34.78 27.80 17.11
N GLY A 595 34.56 26.59 16.59
CA GLY A 595 34.85 25.39 17.36
C GLY A 595 34.14 24.15 16.86
N ASN A 596 34.31 23.05 17.59
CA ASN A 596 33.80 21.76 17.16
C ASN A 596 32.33 21.52 17.48
N GLN A 597 31.74 22.42 18.26
CA GLN A 597 30.32 22.31 18.55
C GLN A 597 29.48 22.57 17.32
N ILE A 598 28.36 21.87 17.21
CA ILE A 598 27.47 22.02 16.08
C ILE A 598 26.03 22.14 16.55
N LYS A 599 25.41 23.29 16.31
CA LYS A 599 24.04 23.49 16.73
C LYS A 599 23.05 22.72 15.89
N GLU A 600 21.90 22.41 16.48
CA GLU A 600 20.85 21.68 15.79
C GLU A 600 19.46 22.25 16.06
N SER A 601 18.55 22.06 15.11
CA SER A 601 17.18 22.51 15.25
C SER A 601 16.42 21.58 16.18
N GLU A 602 15.23 21.15 15.76
CA GLU A 602 14.37 20.41 16.68
C GLU A 602 13.64 19.22 16.08
N GLN A 603 14.39 18.23 15.58
CA GLN A 603 13.83 16.93 15.28
C GLN A 603 12.61 16.99 14.35
N LEU A 604 12.82 17.37 13.10
CA LEU A 604 11.76 17.30 12.11
C LEU A 604 11.39 15.87 11.77
N LYS A 605 10.11 15.63 11.47
CA LYS A 605 9.68 14.29 11.13
C LYS A 605 8.31 14.30 10.49
N LEU A 606 8.03 13.31 9.64
CA LEU A 606 6.85 13.34 8.79
C LEU A 606 6.06 12.03 8.74
N SER A 607 4.77 12.13 8.44
CA SER A 607 3.79 11.05 8.63
C SER A 607 4.02 9.84 7.75
N ALA A 608 3.66 8.66 8.27
CA ALA A 608 3.89 7.41 7.56
C ALA A 608 2.94 6.31 8.00
N PHE A 609 2.84 5.26 7.19
CA PHE A 609 2.04 4.09 7.49
C PHE A 609 2.65 2.88 6.82
N SER A 610 2.59 1.73 7.48
CA SER A 610 3.23 0.55 6.93
C SER A 610 2.36 -0.69 7.11
N ALA A 611 2.68 -1.71 6.32
CA ALA A 611 1.92 -2.96 6.35
C ALA A 611 2.75 -4.11 5.83
N GLY A 612 2.22 -5.32 5.97
CA GLY A 612 2.84 -6.49 5.37
C GLY A 612 1.73 -7.35 4.80
N LEU A 613 2.02 -8.13 3.77
CA LEU A 613 0.97 -8.96 3.19
C LEU A 613 1.45 -10.24 2.52
N GLU A 614 0.62 -11.27 2.62
CA GLU A 614 0.96 -12.63 2.21
C GLU A 614 0.92 -12.87 0.70
N ILE A 615 1.72 -13.82 0.24
CA ILE A 615 1.77 -14.21 -1.17
C ILE A 615 2.11 -15.70 -1.25
N TYR A 616 1.65 -16.40 -2.28
CA TYR A 616 1.98 -17.81 -2.46
C TYR A 616 2.90 -18.04 -3.66
N ASP A 617 3.56 -19.18 -3.68
CA ASP A 617 4.44 -19.55 -4.79
C ASP A 617 3.81 -20.62 -5.67
N SER A 618 4.54 -21.05 -6.69
CA SER A 618 4.12 -22.24 -7.42
C SER A 618 4.19 -23.42 -6.48
N LEU A 619 5.16 -23.41 -5.58
CA LEU A 619 5.20 -24.30 -4.46
C LEU A 619 4.24 -23.74 -3.39
N GLY A 620 3.74 -24.60 -2.52
CA GLY A 620 2.84 -24.13 -1.48
C GLY A 620 3.56 -23.51 -0.30
N SER A 621 3.95 -22.24 -0.42
CA SER A 621 4.65 -21.56 0.66
C SER A 621 4.40 -20.05 0.67
N LYS A 622 4.19 -19.50 1.86
CA LYS A 622 3.92 -18.08 2.02
C LYS A 622 5.15 -17.20 1.92
N HIS A 623 4.92 -15.95 1.54
CA HIS A 623 5.92 -14.92 1.61
C HIS A 623 5.22 -13.61 1.88
N THR A 624 5.47 -13.01 3.04
CA THR A 624 4.98 -11.67 3.25
C THR A 624 5.89 -10.69 2.53
N LEU A 625 5.32 -9.58 2.08
CA LEU A 625 6.13 -8.47 1.62
C LEU A 625 5.71 -7.21 2.36
N GLU A 626 6.68 -6.36 2.65
CA GLU A 626 6.41 -5.14 3.38
C GLU A 626 6.07 -4.00 2.44
N VAL A 627 5.22 -3.11 2.94
CA VAL A 627 4.83 -1.90 2.22
C VAL A 627 4.97 -0.71 3.13
N GLN A 628 5.58 0.35 2.62
CA GLN A 628 5.82 1.56 3.39
C GLN A 628 5.28 2.79 2.68
N PHE A 629 4.29 3.43 3.29
CA PHE A 629 3.74 4.67 2.76
C PHE A 629 4.31 5.90 3.46
N VAL A 630 4.59 6.93 2.68
CA VAL A 630 5.08 8.19 3.21
C VAL A 630 4.51 9.35 2.41
N LYS A 631 3.83 10.25 3.11
CA LYS A 631 3.33 11.48 2.50
C LYS A 631 4.44 12.49 2.37
N GLN A 632 4.94 12.76 1.16
CA GLN A 632 6.01 13.74 1.12
C GLN A 632 5.61 15.09 0.53
N SER A 633 4.36 15.22 0.08
CA SER A 633 3.91 16.53 -0.36
C SER A 633 2.40 16.67 -0.49
N THR A 634 1.90 17.83 -0.09
CA THR A 634 0.58 18.25 -0.53
C THR A 634 0.75 18.70 -1.96
N THR A 635 -0.30 18.62 -2.76
CA THR A 635 -0.20 18.98 -4.17
C THR A 635 -1.52 19.40 -4.76
N GLN A 636 -1.67 20.71 -4.96
CA GLN A 636 -2.83 21.29 -5.63
C GLN A 636 -4.15 20.83 -5.03
N ASP A 637 -4.96 20.16 -5.85
CA ASP A 637 -6.27 19.71 -5.42
C ASP A 637 -6.16 18.60 -4.40
N GLY A 638 -6.31 17.37 -4.86
CA GLY A 638 -6.09 16.21 -4.02
C GLY A 638 -4.65 16.27 -3.60
N GLY A 639 -4.41 16.97 -2.50
CA GLY A 639 -3.06 17.34 -2.15
C GLY A 639 -2.14 16.16 -1.92
N ASN A 640 -2.71 15.08 -1.40
CA ASN A 640 -1.90 13.99 -0.90
C ASN A 640 -1.04 13.33 -1.96
N GLU A 641 0.23 13.10 -1.62
CA GLU A 641 1.14 12.29 -2.42
C GLU A 641 1.99 11.41 -1.53
N TRP A 642 1.85 10.12 -1.73
CA TRP A 642 2.45 9.13 -0.86
C TRP A 642 3.40 8.26 -1.68
N GLN A 643 4.71 8.42 -1.51
CA GLN A 643 5.59 7.49 -2.21
C GLN A 643 5.46 6.14 -1.54
N MET A 644 5.54 5.10 -2.35
CA MET A 644 5.23 3.76 -1.87
C MET A 644 6.41 2.83 -2.06
N ILE A 645 6.85 2.19 -0.98
CA ILE A 645 7.98 1.28 -1.09
C ILE A 645 7.54 -0.16 -0.81
N ILE A 646 8.06 -1.10 -1.58
CA ILE A 646 7.76 -2.50 -1.37
C ILE A 646 9.05 -3.29 -1.20
N ARG A 647 9.10 -4.17 -0.20
CA ARG A 647 10.30 -4.94 0.07
C ARG A 647 10.09 -6.43 0.26
N VAL A 648 11.15 -7.19 -0.02
CA VAL A 648 11.23 -8.61 0.29
C VAL A 648 12.58 -8.94 0.91
N PRO A 649 12.65 -10.01 1.70
CA PRO A 649 13.90 -10.54 2.26
C PRO A 649 14.89 -11.03 1.20
N GLU A 650 16.17 -10.90 1.52
CA GLU A 650 17.29 -11.02 0.57
C GLU A 650 17.16 -11.96 -0.63
N PRO A 651 17.01 -13.28 -0.40
CA PRO A 651 17.16 -14.20 -1.54
C PRO A 651 16.18 -13.93 -2.69
N ALA A 652 14.97 -13.48 -2.38
CA ALA A 652 13.98 -13.17 -3.40
C ALA A 652 14.31 -11.88 -4.15
N GLU A 653 13.85 -11.77 -5.39
CA GLU A 653 14.00 -10.53 -6.15
C GLU A 653 12.68 -10.06 -6.77
N ILE A 654 12.63 -8.78 -7.13
CA ILE A 654 11.42 -8.21 -7.71
C ILE A 654 11.67 -7.35 -8.95
N ASN A 655 12.27 -6.18 -8.77
CA ASN A 655 12.39 -5.22 -9.87
C ASN A 655 13.30 -5.70 -10.98
N THR A 656 13.06 -5.22 -12.18
CA THR A 656 13.92 -5.52 -13.31
C THR A 656 15.31 -4.97 -13.05
N THR A 657 15.55 -3.73 -13.46
CA THR A 657 16.89 -3.17 -13.41
C THR A 657 16.93 -1.67 -13.17
N GLY A 658 18.09 -1.22 -12.70
CA GLY A 658 18.48 0.18 -12.80
C GLY A 658 18.13 1.16 -11.69
N GLU A 659 17.34 0.75 -10.70
CA GLU A 659 17.05 1.67 -9.60
C GLU A 659 18.15 1.74 -8.52
N GLY A 660 18.70 0.62 -8.03
CA GLY A 660 18.22 -0.72 -8.30
C GLY A 660 18.67 -1.83 -7.37
N PRO A 661 18.48 -1.65 -6.05
CA PRO A 661 18.59 -2.89 -5.29
C PRO A 661 17.49 -3.83 -5.76
N THR A 662 17.79 -5.12 -5.82
CA THR A 662 16.85 -6.06 -6.41
C THR A 662 15.55 -6.19 -5.61
N ASN A 663 15.63 -6.06 -4.29
CA ASN A 663 14.48 -6.23 -3.42
C ASN A 663 13.38 -5.18 -3.54
N ILE A 664 13.75 -3.95 -3.82
CA ILE A 664 12.88 -2.82 -3.55
C ILE A 664 12.15 -2.24 -4.75
N ILE A 665 10.86 -2.02 -4.60
CA ILE A 665 10.10 -1.24 -5.58
C ILE A 665 9.83 0.16 -5.06
N VAL A 666 9.96 1.17 -5.91
CA VAL A 666 9.66 2.54 -5.50
C VAL A 666 8.58 3.15 -6.37
N GLY A 667 7.32 2.95 -6.00
CA GLY A 667 6.21 3.55 -6.71
C GLY A 667 5.69 4.80 -6.02
N THR A 668 4.51 5.25 -6.43
CA THR A 668 3.87 6.43 -5.84
C THR A 668 2.36 6.23 -5.81
N ALA A 669 1.67 7.07 -5.04
CA ALA A 669 0.22 7.01 -4.99
C ALA A 669 -0.38 8.38 -4.69
N ARG A 670 -1.52 8.67 -5.31
CA ARG A 670 -2.18 9.96 -5.12
C ARG A 670 -3.66 9.83 -4.80
N PHE A 671 -4.10 10.60 -3.82
CA PHE A 671 -5.50 10.59 -3.47
C PHE A 671 -6.16 11.90 -3.86
N ASN A 672 -7.41 11.80 -4.27
CA ASN A 672 -8.10 12.94 -4.85
C ASN A 672 -8.53 13.87 -3.74
N ASN A 673 -9.24 14.95 -4.09
CA ASN A 673 -9.50 16.02 -3.15
C ASN A 673 -10.34 15.65 -1.93
N ASP A 674 -11.20 14.66 -2.07
CA ASP A 674 -12.08 14.26 -0.97
C ASP A 674 -11.68 12.94 -0.35
N GLY A 675 -10.46 12.50 -0.60
CA GLY A 675 -9.97 11.28 -0.01
C GLY A 675 -10.20 10.05 -0.86
N SER A 676 -10.99 10.19 -1.91
CA SER A 676 -11.12 9.13 -2.89
C SER A 676 -9.79 8.96 -3.60
N LEU A 677 -9.44 7.74 -3.95
CA LEU A 677 -8.19 7.49 -4.64
C LEU A 677 -8.19 8.08 -6.05
N ALA A 678 -7.04 8.57 -6.49
CA ALA A 678 -6.91 9.08 -7.85
C ALA A 678 -6.21 8.05 -8.73
N ASN A 679 -4.99 7.68 -8.34
CA ASN A 679 -4.19 6.72 -9.09
C ASN A 679 -3.06 6.18 -8.24
N TYR A 680 -2.52 5.03 -8.63
CA TYR A 680 -1.38 4.47 -7.91
C TYR A 680 -0.55 3.61 -8.86
N THR A 681 0.76 3.64 -8.68
CA THR A 681 1.69 2.97 -9.59
C THR A 681 2.84 2.38 -8.80
N PRO A 682 3.43 1.26 -9.26
CA PRO A 682 3.06 0.26 -10.27
C PRO A 682 1.83 -0.52 -9.90
N LYS A 683 1.03 -0.93 -10.90
CA LYS A 683 -0.11 -1.79 -10.63
C LYS A 683 0.23 -3.27 -10.59
N THR A 684 1.46 -3.63 -10.97
CA THR A 684 1.85 -5.04 -10.99
C THR A 684 3.26 -5.27 -10.48
N ILE A 685 3.56 -6.53 -10.19
CA ILE A 685 4.84 -6.90 -9.62
C ILE A 685 5.36 -8.22 -10.18
N ASN A 686 6.50 -8.19 -10.87
CA ASN A 686 7.22 -9.44 -11.11
C ASN A 686 7.83 -9.93 -9.83
N PHE A 687 7.80 -11.23 -9.63
CA PHE A 687 8.25 -11.80 -8.37
C PHE A 687 8.80 -13.19 -8.58
N SER A 688 10.10 -13.33 -8.39
CA SER A 688 10.75 -14.63 -8.45
C SER A 688 11.26 -15.00 -7.07
N PRO A 689 10.68 -16.04 -6.47
CA PRO A 689 11.02 -16.54 -5.14
C PRO A 689 12.47 -16.95 -5.01
N ASN A 690 13.03 -17.45 -6.11
CA ASN A 690 14.41 -17.95 -6.13
C ASN A 690 14.64 -19.07 -5.12
N ASN A 691 13.72 -20.02 -5.05
CA ASN A 691 13.90 -21.19 -4.19
C ASN A 691 13.44 -22.48 -4.85
N GLY A 692 13.49 -22.50 -6.18
CA GLY A 692 13.10 -23.68 -6.94
C GLY A 692 11.65 -23.63 -7.36
N ALA A 693 10.92 -22.67 -6.80
CA ALA A 693 9.56 -22.42 -7.23
C ALA A 693 9.61 -21.80 -8.61
N ALA A 694 8.54 -21.91 -9.38
CA ALA A 694 8.58 -21.40 -10.74
C ALA A 694 8.78 -19.89 -10.73
N PRO A 695 9.84 -19.45 -11.42
CA PRO A 695 10.29 -18.06 -11.48
C PRO A 695 9.33 -17.15 -12.24
N ASN A 696 9.40 -15.86 -11.94
CA ASN A 696 8.63 -14.84 -12.65
C ASN A 696 7.13 -14.98 -12.50
N GLN A 697 6.68 -15.19 -11.28
CA GLN A 697 5.26 -15.06 -10.97
C GLN A 697 4.88 -13.60 -11.17
N GLN A 698 3.71 -13.34 -11.72
CA GLN A 698 3.30 -11.96 -11.93
C GLN A 698 2.11 -11.58 -11.07
N ILE A 699 2.38 -10.99 -9.92
CA ILE A 699 1.33 -10.51 -9.04
C ILE A 699 0.76 -9.23 -9.63
N LYS A 700 -0.51 -8.94 -9.36
CA LYS A 700 -1.03 -7.62 -9.69
C LYS A 700 -1.77 -7.04 -8.50
N LEU A 701 -1.08 -6.17 -7.78
CA LEU A 701 -1.65 -5.55 -6.60
C LEU A 701 -2.86 -4.69 -6.95
N SER A 702 -3.85 -4.69 -6.06
CA SER A 702 -5.07 -3.94 -6.27
C SER A 702 -5.39 -3.11 -5.04
N PHE A 703 -5.61 -1.83 -5.25
CA PHE A 703 -5.92 -0.92 -4.16
C PHE A 703 -7.15 -0.09 -4.47
N GLY A 704 -8.05 -0.66 -5.24
CA GLY A 704 -9.34 -0.06 -5.48
C GLY A 704 -9.40 0.81 -6.74
N THR A 705 -10.61 0.93 -7.27
CA THR A 705 -10.86 1.69 -8.48
C THR A 705 -10.70 3.19 -8.23
N SER A 706 -10.40 3.94 -9.28
CA SER A 706 -10.23 5.39 -9.15
C SER A 706 -11.52 6.06 -8.72
N GLY A 707 -11.41 7.03 -7.82
CA GLY A 707 -12.57 7.80 -7.41
C GLY A 707 -13.51 7.11 -6.45
N SER A 708 -13.07 6.01 -5.84
CA SER A 708 -13.94 5.23 -4.97
C SER A 708 -13.35 4.93 -3.60
N ASN A 709 -14.24 4.68 -2.65
CA ASN A 709 -13.88 4.37 -1.28
C ASN A 709 -13.39 2.94 -1.11
N ASP A 710 -13.57 2.13 -2.14
CA ASP A 710 -13.36 0.69 -2.04
C ASP A 710 -11.93 0.28 -1.71
N GLY A 711 -10.97 1.10 -2.12
CA GLY A 711 -9.57 0.78 -1.88
C GLY A 711 -8.96 1.59 -0.77
N LEU A 712 -7.75 2.09 -1.01
CA LEU A 712 -7.12 3.02 -0.09
C LEU A 712 -7.91 4.31 -0.03
N VAL A 713 -7.99 4.92 1.14
CA VAL A 713 -8.70 6.17 1.31
C VAL A 713 -8.00 7.07 2.32
N SER A 714 -7.63 8.27 1.93
CA SER A 714 -7.11 9.21 2.90
C SER A 714 -8.24 9.83 3.70
N SER A 715 -7.94 10.20 4.94
CA SER A 715 -8.95 10.77 5.82
C SER A 715 -8.28 11.46 6.99
N ASN A 716 -9.01 12.33 7.67
CA ASN A 716 -8.45 12.99 8.84
C ASN A 716 -8.18 12.06 9.99
N SER A 717 -8.92 10.96 10.05
CA SER A 717 -8.80 9.96 11.11
C SER A 717 -7.53 9.14 11.00
N ALA A 718 -7.08 8.59 12.12
CA ALA A 718 -5.82 7.88 12.19
C ALA A 718 -5.78 6.69 11.24
N SER A 719 -4.64 6.53 10.58
CA SER A 719 -4.46 5.47 9.60
C SER A 719 -4.38 4.09 10.23
N THR A 720 -5.02 3.11 9.59
CA THR A 720 -5.01 1.72 10.03
C THR A 720 -5.21 0.78 8.85
N LEU A 721 -4.62 -0.41 8.92
CA LEU A 721 -4.86 -1.43 7.91
C LEU A 721 -6.22 -2.05 8.10
N THR A 722 -6.85 -2.47 7.01
CA THR A 722 -8.07 -3.26 7.10
C THR A 722 -8.19 -4.19 5.90
N GLY A 723 -8.58 -5.42 6.15
CA GLY A 723 -8.80 -6.36 5.08
C GLY A 723 -7.49 -6.87 4.53
N GLN A 724 -7.58 -7.95 3.78
CA GLN A 724 -6.46 -8.59 3.09
C GLN A 724 -6.97 -9.90 2.56
N ALA A 725 -6.76 -10.16 1.28
CA ALA A 725 -7.24 -11.40 0.72
C ALA A 725 -6.51 -11.69 -0.57
N THR A 726 -6.40 -12.96 -0.92
CA THR A 726 -5.68 -13.34 -2.11
C THR A 726 -6.02 -14.75 -2.55
N ASP A 727 -5.63 -15.06 -3.78
CA ASP A 727 -5.78 -16.40 -4.32
C ASP A 727 -4.75 -17.30 -3.68
N GLY A 728 -5.00 -18.60 -3.67
CA GLY A 728 -3.94 -19.52 -3.36
C GLY A 728 -4.15 -20.51 -2.24
N TYR A 729 -3.38 -21.58 -2.30
CA TYR A 729 -3.58 -22.73 -1.44
C TYR A 729 -2.25 -23.21 -0.90
N THR A 730 -2.25 -24.46 -0.47
CA THR A 730 -1.04 -25.23 -0.26
C THR A 730 -1.34 -26.62 -0.78
N SER A 731 -0.30 -27.35 -1.16
CA SER A 731 -0.50 -28.68 -1.71
C SER A 731 -1.15 -29.59 -0.68
N GLY A 732 -2.05 -30.45 -1.14
CA GLY A 732 -2.70 -31.39 -0.25
C GLY A 732 -2.78 -32.78 -0.84
N ASN A 733 -3.17 -33.73 -0.01
CA ASN A 733 -3.30 -35.11 -0.43
C ASN A 733 -4.57 -35.73 0.15
N LEU A 734 -5.16 -36.66 -0.59
CA LEU A 734 -6.37 -37.33 -0.15
C LEU A 734 -6.08 -38.37 0.94
N LYS A 735 -7.04 -38.58 1.83
CA LYS A 735 -6.92 -39.64 2.82
C LYS A 735 -8.00 -40.71 2.64
N PRO A 736 -7.61 -41.88 2.15
CA PRO A 736 -8.50 -42.94 1.67
C PRO A 736 -9.49 -43.47 2.69
N ASP A 737 -9.10 -43.49 3.96
CA ASP A 737 -9.93 -44.07 5.00
C ASP A 737 -11.26 -43.33 5.19
N ALA A 738 -11.28 -42.05 4.86
CA ALA A 738 -12.50 -41.26 4.97
C ALA A 738 -12.98 -40.80 3.60
N ILE A 739 -14.13 -41.30 3.18
CA ILE A 739 -14.64 -41.00 1.85
C ILE A 739 -16.05 -40.42 1.82
N ARG A 740 -17.04 -41.21 2.23
CA ARG A 740 -18.43 -40.77 2.26
C ARG A 740 -19.03 -40.42 0.90
N VAL A 741 -19.85 -41.33 0.39
CA VAL A 741 -20.79 -41.01 -0.67
C VAL A 741 -22.00 -40.31 -0.05
N ASP A 742 -22.68 -39.45 -0.80
CA ASP A 742 -23.87 -38.79 -0.29
C ASP A 742 -25.11 -39.08 -1.14
N ASP A 743 -26.21 -38.39 -0.84
CA ASP A 743 -27.38 -38.42 -1.70
C ASP A 743 -27.04 -37.79 -3.03
N LYS A 744 -27.75 -38.20 -4.07
CA LYS A 744 -27.49 -37.79 -5.44
C LYS A 744 -26.18 -38.35 -5.98
N GLY A 745 -25.49 -39.14 -5.18
CA GLY A 745 -24.45 -40.00 -5.69
C GLY A 745 -23.15 -39.39 -6.18
N ASN A 746 -22.77 -38.22 -5.69
CA ASN A 746 -21.41 -37.76 -5.95
C ASN A 746 -20.52 -38.08 -4.76
N ILE A 747 -19.29 -38.46 -5.04
CA ILE A 747 -18.43 -39.04 -4.03
C ILE A 747 -17.47 -38.03 -3.40
N LEU A 748 -17.73 -37.69 -2.15
CA LEU A 748 -16.94 -36.68 -1.46
C LEU A 748 -15.56 -37.22 -1.08
N GLY A 749 -14.60 -36.32 -0.95
CA GLY A 749 -13.27 -36.69 -0.51
C GLY A 749 -12.72 -35.57 0.33
N GLU A 750 -11.87 -35.89 1.30
CA GLU A 750 -11.48 -34.93 2.31
C GLU A 750 -9.95 -34.85 2.45
N PHE A 751 -9.34 -33.93 1.73
CA PHE A 751 -7.89 -33.82 1.63
C PHE A 751 -7.21 -33.38 2.91
N THR A 752 -5.92 -33.66 3.02
CA THR A 752 -5.13 -33.29 4.18
C THR A 752 -5.03 -31.79 4.31
N ASN A 753 -5.18 -31.10 3.17
CA ASN A 753 -5.35 -29.66 3.15
C ASN A 753 -6.73 -29.36 3.70
N GLY A 754 -7.05 -28.09 3.93
CA GLY A 754 -8.36 -27.77 4.48
C GLY A 754 -9.51 -28.19 3.58
N LYS A 755 -9.25 -28.26 2.28
CA LYS A 755 -10.28 -28.45 1.27
C LYS A 755 -10.88 -29.85 1.26
N THR A 756 -12.11 -29.97 0.78
CA THR A 756 -12.77 -31.27 0.63
C THR A 756 -13.56 -31.37 -0.67
N PHE A 757 -12.87 -31.40 -1.80
CA PHE A 757 -13.52 -31.46 -3.11
C PHE A 757 -14.29 -32.75 -3.35
N ALA A 758 -15.42 -32.66 -4.06
CA ALA A 758 -16.07 -33.85 -4.60
C ALA A 758 -15.16 -34.44 -5.66
N VAL A 759 -14.96 -35.75 -5.66
CA VAL A 759 -13.94 -36.33 -6.53
C VAL A 759 -14.49 -37.18 -7.67
N ALA A 760 -15.78 -37.47 -7.68
CA ALA A 760 -16.38 -38.32 -8.71
C ALA A 760 -17.90 -38.27 -8.64
N LYS A 761 -18.57 -38.93 -9.57
CA LYS A 761 -20.03 -38.99 -9.50
C LYS A 761 -20.62 -40.24 -10.14
N ILE A 762 -21.64 -40.80 -9.49
CA ILE A 762 -22.18 -42.09 -9.91
C ILE A 762 -23.46 -41.99 -10.75
N ALA A 763 -23.41 -42.53 -11.95
CA ALA A 763 -24.57 -42.61 -12.82
C ALA A 763 -25.48 -43.77 -12.45
N MET A 764 -26.77 -43.64 -12.74
CA MET A 764 -27.64 -44.80 -12.75
C MET A 764 -28.52 -44.80 -13.99
N ALA A 765 -29.37 -45.81 -14.12
CA ALA A 765 -30.09 -46.03 -15.36
C ALA A 765 -31.42 -46.70 -15.12
N SER A 766 -32.26 -46.73 -16.14
CA SER A 766 -33.57 -47.37 -16.00
C SER A 766 -34.09 -47.91 -17.32
N VAL A 767 -34.88 -48.96 -17.23
CA VAL A 767 -35.36 -49.67 -18.39
C VAL A 767 -36.88 -49.56 -18.46
N ALA A 768 -37.43 -49.60 -19.66
CA ALA A 768 -38.87 -49.52 -19.83
C ALA A 768 -39.58 -50.71 -19.23
N ASN A 769 -38.88 -51.83 -19.07
CA ASN A 769 -39.49 -53.01 -18.49
C ASN A 769 -38.57 -53.81 -17.61
N ASN A 770 -38.71 -53.63 -16.30
CA ASN A 770 -38.05 -54.48 -15.35
C ASN A 770 -38.63 -55.87 -15.49
N SER A 771 -37.86 -56.88 -15.11
CA SER A 771 -38.32 -58.26 -15.12
C SER A 771 -38.46 -58.82 -16.51
N GLY A 772 -38.42 -57.97 -17.53
CA GLY A 772 -38.25 -58.45 -18.88
C GLY A 772 -36.79 -58.81 -19.07
N LEU A 773 -35.93 -58.05 -18.38
CA LEU A 773 -34.49 -58.23 -18.52
C LEU A 773 -33.99 -59.50 -17.83
N GLU A 774 -33.01 -60.14 -18.46
CA GLU A 774 -32.54 -61.45 -18.06
C GLU A 774 -31.54 -61.42 -16.90
N GLU A 775 -31.50 -62.51 -16.14
CA GLU A 775 -30.59 -62.69 -15.01
C GLU A 775 -29.25 -63.31 -15.41
N ILE A 776 -28.20 -63.06 -14.65
CA ILE A 776 -26.94 -63.78 -14.81
C ILE A 776 -26.55 -64.25 -13.42
N GLY A 777 -25.43 -64.96 -13.29
CA GLY A 777 -24.88 -65.27 -11.99
C GLY A 777 -24.32 -64.01 -11.40
N GLY A 778 -24.06 -64.01 -10.10
CA GLY A 778 -23.71 -62.78 -9.42
C GLY A 778 -25.02 -62.07 -9.21
N ASN A 779 -24.98 -60.84 -8.72
CA ASN A 779 -26.20 -60.09 -8.56
C ASN A 779 -26.52 -59.26 -9.80
N LEU A 780 -25.91 -59.64 -10.91
CA LEU A 780 -26.05 -58.93 -12.17
C LEU A 780 -27.39 -59.16 -12.86
N PHE A 781 -27.83 -58.17 -13.62
CA PHE A 781 -28.95 -58.32 -14.55
C PHE A 781 -28.44 -58.04 -15.94
N LYS A 782 -29.26 -58.26 -16.96
CA LYS A 782 -28.81 -58.00 -18.32
C LYS A 782 -29.92 -57.58 -19.26
N VAL A 783 -29.62 -56.62 -20.12
CA VAL A 783 -30.56 -56.11 -21.11
C VAL A 783 -30.90 -57.19 -22.13
N THR A 784 -32.15 -57.21 -22.57
CA THR A 784 -32.61 -58.20 -23.52
C THR A 784 -33.80 -57.64 -24.31
N ALA A 785 -34.27 -58.38 -25.29
CA ALA A 785 -35.50 -58.02 -25.97
C ALA A 785 -36.65 -58.16 -24.98
N ASN A 786 -37.73 -57.42 -25.21
CA ASN A 786 -38.86 -57.35 -24.27
C ASN A 786 -38.38 -56.80 -22.94
N SER A 787 -37.45 -55.85 -23.00
CA SER A 787 -36.93 -55.18 -21.81
C SER A 787 -36.80 -53.70 -22.09
N GLY A 788 -35.75 -53.33 -22.80
CA GLY A 788 -35.60 -51.95 -23.23
C GLY A 788 -34.14 -51.54 -23.33
N ASN A 789 -33.90 -50.27 -23.59
CA ASN A 789 -32.54 -49.75 -23.58
C ASN A 789 -32.21 -49.10 -22.25
N ILE A 790 -30.92 -48.97 -21.99
CA ILE A 790 -30.42 -48.61 -20.67
C ILE A 790 -30.85 -47.24 -20.15
N VAL A 791 -30.96 -46.25 -21.03
CA VAL A 791 -31.40 -44.91 -20.66
C VAL A 791 -30.60 -44.36 -19.46
N VAL A 792 -29.37 -43.97 -19.72
CA VAL A 792 -28.50 -43.41 -18.69
C VAL A 792 -28.95 -42.02 -18.26
N GLY A 793 -28.82 -41.70 -16.98
CA GLY A 793 -29.16 -40.39 -16.46
C GLY A 793 -28.54 -40.13 -15.11
N GLU A 794 -28.88 -39.01 -14.49
CA GLU A 794 -28.38 -38.70 -13.15
C GLU A 794 -29.20 -39.30 -12.04
N ALA A 795 -28.71 -39.10 -10.82
CA ALA A 795 -29.19 -39.80 -9.64
C ALA A 795 -30.63 -39.55 -9.26
N GLY A 796 -31.19 -38.41 -9.64
CA GLY A 796 -32.56 -38.14 -9.27
C GLY A 796 -33.21 -37.01 -10.02
N THR A 797 -33.66 -37.29 -11.23
CA THR A 797 -34.27 -36.26 -12.05
C THR A 797 -35.12 -36.86 -13.18
N GLY A 798 -34.79 -38.07 -13.58
CA GLY A 798 -35.47 -38.70 -14.69
C GLY A 798 -36.70 -39.43 -14.21
N GLY A 799 -37.00 -39.31 -12.93
CA GLY A 799 -38.05 -40.09 -12.31
C GLY A 799 -37.46 -41.32 -11.65
N ARG A 800 -36.13 -41.29 -11.48
CA ARG A 800 -35.41 -42.35 -10.82
C ARG A 800 -34.95 -41.93 -9.42
N GLY A 801 -35.02 -42.85 -8.47
CA GLY A 801 -34.85 -42.52 -7.06
C GLY A 801 -33.46 -42.19 -6.59
N GLU A 802 -33.36 -41.49 -5.46
CA GLU A 802 -32.09 -41.06 -4.91
C GLU A 802 -31.30 -42.15 -4.20
N MET A 803 -30.00 -41.95 -4.12
CA MET A 803 -29.13 -42.80 -3.32
C MET A 803 -29.48 -42.67 -1.86
N LYS A 804 -29.31 -43.75 -1.11
CA LYS A 804 -29.29 -43.65 0.34
C LYS A 804 -27.96 -44.15 0.85
N THR A 805 -27.16 -43.23 1.37
CA THR A 805 -25.79 -43.54 1.75
C THR A 805 -25.68 -44.40 3.01
N SER A 806 -24.57 -45.13 3.10
CA SER A 806 -24.21 -45.88 4.29
C SER A 806 -25.26 -46.87 4.75
N ALA A 807 -25.93 -47.49 3.81
CA ALA A 807 -26.96 -48.47 4.14
C ALA A 807 -27.17 -49.42 2.99
N LEU A 808 -27.65 -50.61 3.30
CA LEU A 808 -27.61 -51.69 2.34
C LEU A 808 -28.98 -52.34 2.22
N GLU A 809 -29.36 -52.72 1.01
CA GLU A 809 -30.75 -53.05 0.72
C GLU A 809 -30.99 -54.54 0.61
N MET A 810 -31.75 -55.08 1.56
CA MET A 810 -31.97 -56.51 1.67
C MET A 810 -33.03 -57.05 0.72
N SER A 811 -33.06 -58.38 0.58
CA SER A 811 -33.93 -59.04 -0.38
C SER A 811 -35.39 -58.86 -0.02
N ASN A 812 -36.26 -58.87 -1.03
CA ASN A 812 -37.67 -58.64 -0.81
C ASN A 812 -38.45 -59.91 -0.48
N VAL A 813 -37.77 -61.04 -0.40
CA VAL A 813 -38.44 -62.29 -0.13
C VAL A 813 -39.16 -62.31 1.21
N ASP A 814 -40.48 -62.41 1.19
CA ASP A 814 -41.24 -62.73 2.38
C ASP A 814 -41.16 -64.23 2.58
N LEU A 815 -41.28 -64.71 3.80
CA LEU A 815 -40.92 -66.09 4.03
C LEU A 815 -42.14 -66.99 4.21
N SER A 816 -43.19 -66.45 4.81
CA SER A 816 -44.40 -67.22 5.04
C SER A 816 -45.02 -67.65 3.72
N ARG A 817 -44.96 -66.74 2.76
CA ARG A 817 -45.51 -66.98 1.44
C ARG A 817 -44.76 -68.13 0.80
N SER A 818 -43.48 -68.22 1.10
CA SER A 818 -42.66 -69.26 0.53
C SER A 818 -42.95 -70.61 1.14
N LEU A 819 -43.03 -70.66 2.46
CA LEU A 819 -43.22 -71.93 3.14
C LEU A 819 -44.57 -72.54 2.79
N THR A 820 -45.60 -71.69 2.70
CA THR A 820 -46.90 -72.23 2.39
C THR A 820 -46.89 -72.86 1.00
N GLU A 821 -46.16 -72.24 0.08
CA GLU A 821 -46.04 -72.82 -1.24
C GLU A 821 -45.27 -74.11 -1.20
N LEU A 822 -44.34 -74.24 -0.26
CA LEU A 822 -43.69 -75.54 -0.11
C LEU A 822 -44.71 -76.58 0.27
N ILE A 823 -45.76 -76.18 0.97
CA ILE A 823 -46.80 -77.18 1.23
C ILE A 823 -47.65 -77.47 -0.01
N ILE A 824 -48.10 -76.41 -0.67
CA ILE A 824 -48.98 -76.57 -1.83
C ILE A 824 -48.37 -77.47 -2.89
N ILE A 825 -47.13 -77.16 -3.24
CA ILE A 825 -46.47 -77.89 -4.31
C ILE A 825 -46.41 -79.35 -3.97
N GLN A 826 -46.12 -79.61 -2.70
CA GLN A 826 -45.94 -80.97 -2.26
C GLN A 826 -47.23 -81.75 -2.39
N ARG A 827 -48.32 -81.18 -1.92
CA ARG A 827 -49.57 -81.92 -1.96
C ARG A 827 -50.07 -82.16 -3.38
N GLY A 828 -49.89 -81.18 -4.27
CA GLY A 828 -50.31 -81.39 -5.64
C GLY A 828 -49.48 -82.48 -6.29
N TYR A 829 -48.21 -82.49 -5.93
CA TYR A 829 -47.27 -83.47 -6.44
C TYR A 829 -47.74 -84.86 -6.02
N GLN A 830 -48.15 -84.97 -4.76
CA GLN A 830 -48.60 -86.23 -4.21
C GLN A 830 -49.79 -86.74 -4.99
N ALA A 831 -50.71 -85.82 -5.30
CA ALA A 831 -51.94 -86.22 -5.95
C ALA A 831 -51.67 -86.77 -7.35
N ASN A 832 -50.87 -86.05 -8.13
CA ASN A 832 -50.60 -86.51 -9.48
C ASN A 832 -49.89 -87.85 -9.42
N SER A 833 -49.08 -87.99 -8.38
CA SER A 833 -48.41 -89.25 -8.13
C SER A 833 -49.41 -90.37 -7.91
N LYS A 834 -50.57 -90.06 -7.33
CA LYS A 834 -51.61 -91.08 -7.26
C LYS A 834 -52.21 -91.40 -8.62
N THR A 835 -52.42 -90.36 -9.43
CA THR A 835 -53.02 -90.58 -10.74
C THR A 835 -52.22 -91.57 -11.54
N ILE A 836 -50.91 -91.36 -11.58
CA ILE A 836 -50.07 -92.25 -12.36
C ILE A 836 -50.14 -93.68 -11.87
N SER A 837 -50.24 -93.85 -10.55
CA SER A 837 -50.24 -95.17 -9.97
C SER A 837 -51.49 -95.95 -10.36
N THR A 838 -52.65 -95.32 -10.19
CA THR A 838 -53.88 -96.03 -10.56
C THR A 838 -53.88 -96.33 -12.04
N SER A 839 -53.30 -95.42 -12.81
CA SER A 839 -53.21 -95.63 -14.24
C SER A 839 -52.34 -96.83 -14.56
N ASP A 840 -51.34 -97.10 -13.72
CA ASP A 840 -50.51 -98.28 -13.92
C ASP A 840 -51.27 -99.55 -13.58
N GLN A 841 -51.98 -99.51 -12.46
CA GLN A 841 -52.67 -100.71 -12.02
C GLN A 841 -53.73 -101.13 -13.02
N MET A 842 -54.38 -100.17 -13.67
CA MET A 842 -55.36 -100.56 -14.67
C MET A 842 -54.66 -101.26 -15.83
N LEU A 843 -53.44 -100.85 -16.13
CA LEU A 843 -52.68 -101.51 -17.19
C LEU A 843 -52.31 -102.93 -16.84
N GLN A 844 -51.88 -103.15 -15.61
CA GLN A 844 -51.53 -104.52 -15.25
C GLN A 844 -52.76 -105.40 -15.18
N THR A 845 -53.92 -104.82 -14.86
CA THR A 845 -55.15 -105.60 -14.96
C THR A 845 -55.44 -105.95 -16.42
N LEU A 846 -55.15 -105.02 -17.33
CA LEU A 846 -55.33 -105.32 -18.75
C LEU A 846 -54.45 -106.45 -19.22
N ILE A 847 -53.16 -106.37 -18.93
CA ILE A 847 -52.26 -107.42 -19.38
C ILE A 847 -52.52 -108.75 -18.69
N GLN A 848 -52.98 -108.73 -17.45
CA GLN A 848 -53.30 -109.99 -16.79
C GLN A 848 -54.65 -110.56 -17.20
N LEU A 849 -55.44 -109.75 -17.88
CA LEU A 849 -56.77 -110.18 -18.30
C LEU A 849 -56.69 -111.37 -19.25
N LYS A 850 -55.64 -111.41 -20.06
CA LYS A 850 -55.45 -112.49 -21.03
C LYS A 850 -54.84 -113.71 -20.39
N GLN A 851 -53.93 -113.47 -19.44
CA GLN A 851 -53.24 -114.50 -18.68
C GLN A 851 -52.33 -115.37 -19.55
#